data_3KDZ
#
_entry.id   3KDZ
#
_cell.length_a   92.722
_cell.length_b   145.941
_cell.length_c   74.812
_cell.angle_alpha   90.00
_cell.angle_beta   90.00
_cell.angle_gamma   90.00
#
_symmetry.space_group_name_H-M   'P 21 21 2'
#
loop_
_entity.id
_entity.type
_entity.pdbx_description
1 polymer 'Histidine ammonia-lyase'
2 non-polymer TYROSINE
3 water water
#
_entity_poly.entity_id   1
_entity_poly.type   'polypeptide(L)'
_entity_poly.pdbx_seq_one_letter_code
;MALTQVETEIVPVSVDGETLTVEAVRRVAEERATVDVPAESIAKAQKSREIFEGIAEQNIPIFGVTTGYGEMIYMQVDKS
KEVELQTNLVRSHSAGVGPLFAEDEARAIVAARLNTLAKGHSAVRPIILERLAQYLNEGITPAIPEIGSLG(MDO)DLAP
LSHVASTLIGEGYVLRDGRPVETAQVLAERGIEPLELRFKEGLALINGTSGMTGLGSLVVGRALEQAQQAEIVTALLIEA
VRGSTSPFLAEGHDIARPHEGQIDTAANMRALMRGSGLTVEHADLRRELQKDKEAGKDVQRSEIYLQKAYSLRAIPQVVG
AVRDTLYHARHKLRIELNSANDNPLFFEGKEIFHGANFHGQPIAFAMDFVTIALTQLGVLAERQINRVLNRHLSYGLPEF
LVSGDPGLHSGFAGAQYPATALVAENRTIGPASTQSVPSNGDNQDVVSMGLISARNARRVLSNNNKILAVEYLAAAQAVD
ISGRFDGLSPAAKATYEAVRRLVPTLGVDRYMADDIELVADALSRGEFLRAIARETDIQLR
;
_entity_poly.pdbx_strand_id   A,B
#
# COMPACT_ATOMS: atom_id res chain seq x y z
N VAL A 11 -30.30 11.33 13.56
CA VAL A 11 -29.04 10.85 12.91
C VAL A 11 -28.27 9.84 13.76
N PRO A 12 -28.98 8.88 14.36
CA PRO A 12 -28.29 7.89 15.20
C PRO A 12 -27.40 6.95 14.37
N VAL A 13 -26.33 6.48 14.98
CA VAL A 13 -25.40 5.56 14.31
C VAL A 13 -25.45 4.22 14.99
N SER A 14 -25.75 3.18 14.22
CA SER A 14 -25.85 1.83 14.76
C SER A 14 -24.49 1.14 14.90
N VAL A 15 -24.04 0.99 16.14
CA VAL A 15 -22.77 0.33 16.42
C VAL A 15 -23.12 -1.12 16.72
N ASP A 16 -23.12 -1.94 15.68
CA ASP A 16 -23.49 -3.35 15.79
C ASP A 16 -22.37 -4.36 15.58
N GLY A 17 -21.16 -3.89 15.31
CA GLY A 17 -20.05 -4.81 15.10
C GLY A 17 -20.14 -5.52 13.77
N GLU A 18 -20.98 -5.00 12.88
CA GLU A 18 -21.18 -5.60 11.56
C GLU A 18 -21.27 -4.60 10.39
N THR A 19 -21.93 -3.47 10.61
CA THR A 19 -22.13 -2.51 9.54
C THR A 19 -21.56 -1.11 9.71
N LEU A 20 -20.73 -0.89 10.71
CA LEU A 20 -20.16 0.44 10.94
C LEU A 20 -19.22 0.85 9.81
N THR A 21 -19.41 2.05 9.29
CA THR A 21 -18.57 2.53 8.20
C THR A 21 -17.61 3.62 8.68
N VAL A 22 -16.58 3.87 7.86
CA VAL A 22 -15.60 4.90 8.19
C VAL A 22 -16.29 6.24 8.32
N GLU A 23 -17.19 6.56 7.40
CA GLU A 23 -17.88 7.83 7.46
C GLU A 23 -18.71 7.94 8.74
N ALA A 24 -19.33 6.84 9.15
CA ALA A 24 -20.14 6.86 10.36
C ALA A 24 -19.26 7.16 11.58
N VAL A 25 -18.06 6.57 11.62
CA VAL A 25 -17.16 6.82 12.74
C VAL A 25 -16.84 8.31 12.80
N ARG A 26 -16.68 8.93 11.64
CA ARG A 26 -16.40 10.35 11.61
C ARG A 26 -17.60 11.14 12.14
N ARG A 27 -18.80 10.70 11.79
CA ARG A 27 -19.99 11.39 12.27
C ARG A 27 -20.00 11.37 13.79
N VAL A 28 -19.73 10.21 14.38
CA VAL A 28 -19.71 10.09 15.84
C VAL A 28 -18.60 10.94 16.47
N ALA A 29 -17.42 10.89 15.85
CA ALA A 29 -16.25 11.61 16.36
C ALA A 29 -16.27 13.12 16.11
N GLU A 30 -16.56 13.51 14.86
CA GLU A 30 -16.59 14.92 14.48
C GLU A 30 -17.87 15.67 14.82
N GLU A 31 -19.02 15.11 14.43
CA GLU A 31 -20.29 15.78 14.64
C GLU A 31 -21.10 15.37 15.87
N ARG A 32 -20.44 14.71 16.81
CA ARG A 32 -21.11 14.29 18.03
C ARG A 32 -22.34 13.42 17.77
N ALA A 33 -22.37 12.74 16.64
CA ALA A 33 -23.49 11.87 16.28
C ALA A 33 -23.80 10.90 17.41
N THR A 34 -25.09 10.74 17.71
CA THR A 34 -25.54 9.83 18.75
C THR A 34 -25.27 8.40 18.31
N VAL A 35 -24.95 7.55 19.27
CA VAL A 35 -24.65 6.15 19.00
C VAL A 35 -25.70 5.25 19.64
N ASP A 36 -26.03 4.16 18.96
CA ASP A 36 -27.00 3.21 19.50
C ASP A 36 -26.53 1.78 19.26
N VAL A 37 -26.44 1.02 20.35
CA VAL A 37 -26.06 -0.37 20.27
C VAL A 37 -27.37 -1.17 20.24
N PRO A 38 -27.64 -1.84 19.11
CA PRO A 38 -28.85 -2.65 18.90
C PRO A 38 -29.07 -3.76 19.93
N ALA A 39 -30.34 -3.98 20.28
CA ALA A 39 -30.71 -5.01 21.24
C ALA A 39 -30.14 -6.34 20.77
N GLU A 40 -30.12 -6.53 19.45
CA GLU A 40 -29.57 -7.75 18.88
C GLU A 40 -28.10 -7.88 19.31
N SER A 41 -27.38 -6.76 19.28
CA SER A 41 -25.97 -6.75 19.69
C SER A 41 -25.89 -7.00 21.19
N ILE A 42 -26.76 -6.34 21.95
CA ILE A 42 -26.78 -6.52 23.40
C ILE A 42 -27.03 -7.98 23.76
N ALA A 43 -28.11 -8.55 23.21
CA ALA A 43 -28.47 -9.94 23.46
C ALA A 43 -27.34 -10.88 23.03
N LYS A 44 -26.84 -10.69 21.82
CA LYS A 44 -25.77 -11.52 21.31
C LYS A 44 -24.54 -11.35 22.21
N ALA A 45 -24.45 -10.18 22.84
CA ALA A 45 -23.33 -9.89 23.73
C ALA A 45 -23.48 -10.68 25.03
N GLN A 46 -24.67 -10.64 25.60
CA GLN A 46 -24.91 -11.33 26.85
C GLN A 46 -24.64 -12.80 26.57
N LYS A 47 -25.01 -13.23 25.37
CA LYS A 47 -24.91 -14.63 25.00
C LYS A 47 -23.50 -15.10 25.26
N SER A 48 -22.57 -14.62 24.44
CA SER A 48 -21.16 -14.98 24.58
C SER A 48 -20.70 -14.85 26.02
N ARG A 49 -21.36 -13.97 26.78
CA ARG A 49 -20.98 -13.79 28.18
C ARG A 49 -21.27 -15.06 28.97
N GLU A 50 -22.42 -15.67 28.70
CA GLU A 50 -22.82 -16.89 29.41
C GLU A 50 -21.95 -18.05 28.94
N ILE A 51 -21.67 -18.09 27.65
CA ILE A 51 -20.80 -19.15 27.11
C ILE A 51 -19.56 -19.14 28.00
N PHE A 52 -18.89 -17.99 28.01
CA PHE A 52 -17.69 -17.79 28.80
C PHE A 52 -17.87 -18.21 30.27
N GLU A 53 -18.85 -17.60 30.94
CA GLU A 53 -19.11 -17.91 32.35
C GLU A 53 -19.44 -19.39 32.57
N GLY A 54 -20.09 -20.01 31.60
CA GLY A 54 -20.44 -21.42 31.74
C GLY A 54 -19.17 -22.24 31.85
N ILE A 55 -18.05 -21.62 31.50
CA ILE A 55 -16.75 -22.27 31.58
C ILE A 55 -15.97 -21.64 32.72
N ALA A 56 -16.08 -20.32 32.83
CA ALA A 56 -15.39 -19.59 33.88
C ALA A 56 -15.94 -20.04 35.22
N GLU A 57 -17.09 -20.70 35.20
CA GLU A 57 -17.72 -21.20 36.42
C GLU A 57 -16.64 -22.02 37.09
N GLN A 58 -16.21 -23.06 36.40
CA GLN A 58 -15.16 -23.94 36.88
C GLN A 58 -13.89 -23.11 37.02
N ASN A 59 -12.82 -23.75 37.45
CA ASN A 59 -11.57 -23.02 37.62
C ASN A 59 -10.62 -23.37 36.47
N ILE A 60 -11.20 -23.86 35.38
CA ILE A 60 -10.43 -24.25 34.20
C ILE A 60 -9.65 -23.07 33.63
N PRO A 61 -8.49 -23.34 33.03
CA PRO A 61 -7.59 -22.34 32.43
C PRO A 61 -8.11 -21.59 31.21
N ILE A 62 -7.86 -20.29 31.19
CA ILE A 62 -8.24 -19.41 30.09
C ILE A 62 -7.31 -18.20 30.18
N PHE A 63 -6.76 -17.77 29.04
CA PHE A 63 -5.85 -16.62 29.02
C PHE A 63 -6.49 -15.27 29.37
N GLY A 64 -5.73 -14.45 30.09
CA GLY A 64 -6.19 -13.11 30.45
C GLY A 64 -7.39 -13.03 31.37
N VAL A 65 -7.88 -14.19 31.80
CA VAL A 65 -9.04 -14.24 32.69
C VAL A 65 -8.73 -15.10 33.90
N THR A 66 -8.12 -16.26 33.69
CA THR A 66 -7.75 -17.12 34.80
C THR A 66 -6.24 -17.38 34.77
N THR A 67 -5.51 -16.51 34.07
CA THR A 67 -4.06 -16.62 33.95
C THR A 67 -3.38 -15.25 33.98
N GLY A 68 -2.06 -15.24 33.81
CA GLY A 68 -1.34 -13.99 33.80
C GLY A 68 -1.44 -13.32 32.44
N TYR A 69 -0.81 -12.16 32.30
CA TYR A 69 -0.85 -11.42 31.04
C TYR A 69 0.51 -11.37 30.34
N GLY A 70 0.50 -11.60 29.03
CA GLY A 70 1.75 -11.59 28.27
C GLY A 70 2.55 -12.86 28.48
N GLU A 71 3.87 -12.72 28.55
CA GLU A 71 4.76 -13.86 28.76
C GLU A 71 4.41 -14.62 30.04
N MET A 72 3.71 -13.94 30.94
CA MET A 72 3.32 -14.54 32.21
C MET A 72 2.05 -15.39 32.12
N ILE A 73 1.75 -15.90 30.93
CA ILE A 73 0.58 -16.76 30.75
C ILE A 73 0.82 -18.06 31.51
N TYR A 74 2.07 -18.24 31.95
CA TYR A 74 2.45 -19.43 32.70
C TYR A 74 1.99 -19.30 34.16
N MET A 75 1.40 -18.16 34.50
CA MET A 75 0.91 -17.93 35.84
C MET A 75 -0.58 -18.24 35.92
N GLN A 76 -0.90 -19.31 36.63
CA GLN A 76 -2.29 -19.73 36.80
C GLN A 76 -2.93 -18.91 37.90
N VAL A 77 -4.12 -18.37 37.63
CA VAL A 77 -4.80 -17.55 38.62
C VAL A 77 -6.22 -18.00 38.94
N ASP A 78 -6.51 -18.05 40.24
CA ASP A 78 -7.83 -18.46 40.75
C ASP A 78 -8.85 -17.31 40.61
N LYS A 79 -10.13 -17.67 40.67
CA LYS A 79 -11.23 -16.72 40.54
C LYS A 79 -11.47 -15.80 41.75
N SER A 80 -10.72 -16.01 42.82
CA SER A 80 -10.87 -15.21 44.03
C SER A 80 -10.82 -13.70 43.81
N LYS A 81 -9.72 -13.23 43.21
CA LYS A 81 -9.54 -11.81 42.96
C LYS A 81 -9.81 -11.47 41.49
N GLU A 82 -10.99 -11.85 41.03
CA GLU A 82 -11.43 -11.61 39.66
C GLU A 82 -11.36 -10.14 39.29
N VAL A 83 -11.98 -9.30 40.12
CA VAL A 83 -12.01 -7.86 39.89
C VAL A 83 -10.63 -7.21 39.99
N GLU A 84 -9.79 -7.74 40.86
CA GLU A 84 -8.44 -7.20 41.02
C GLU A 84 -7.57 -7.49 39.82
N LEU A 85 -7.75 -8.65 39.20
CA LEU A 85 -6.93 -8.99 38.05
C LEU A 85 -7.16 -7.97 36.94
N GLN A 86 -8.42 -7.61 36.72
CA GLN A 86 -8.74 -6.59 35.73
C GLN A 86 -8.19 -5.22 36.09
N THR A 87 -8.30 -4.86 37.37
CA THR A 87 -7.82 -3.57 37.85
C THR A 87 -6.30 -3.44 37.74
N ASN A 88 -5.60 -4.51 38.10
CA ASN A 88 -4.15 -4.55 38.03
C ASN A 88 -3.67 -4.39 36.59
N LEU A 89 -4.38 -5.04 35.66
CA LEU A 89 -4.04 -4.96 34.24
C LEU A 89 -4.22 -3.57 33.65
N VAL A 90 -5.43 -3.04 33.80
CA VAL A 90 -5.74 -1.71 33.28
C VAL A 90 -4.80 -0.65 33.83
N ARG A 91 -4.41 -0.80 35.10
CA ARG A 91 -3.54 0.16 35.74
C ARG A 91 -2.10 0.06 35.25
N SER A 92 -1.49 -1.11 35.47
CA SER A 92 -0.11 -1.36 35.08
C SER A 92 0.14 -1.09 33.62
N HIS A 93 -0.91 -1.15 32.79
CA HIS A 93 -0.74 -0.93 31.37
C HIS A 93 -1.06 0.47 30.92
N SER A 94 -1.64 1.27 31.81
CA SER A 94 -1.90 2.66 31.45
C SER A 94 -0.55 3.36 31.64
N ALA A 95 0.34 3.16 30.69
CA ALA A 95 1.68 3.75 30.73
C ALA A 95 1.93 4.57 29.48
N GLY A 96 0.90 5.22 28.98
CA GLY A 96 1.04 6.00 27.76
C GLY A 96 1.75 7.31 27.97
N VAL A 97 2.48 7.75 26.95
CA VAL A 97 3.21 9.01 27.03
C VAL A 97 2.98 9.87 25.78
N GLY A 98 3.55 11.06 25.80
CA GLY A 98 3.41 11.96 24.67
C GLY A 98 2.20 12.84 24.80
N PRO A 99 1.82 13.56 23.73
CA PRO A 99 0.64 14.42 23.80
C PRO A 99 -0.63 13.60 23.83
N LEU A 100 -1.71 14.23 24.27
CA LEU A 100 -3.01 13.58 24.36
C LEU A 100 -3.69 13.69 23.01
N PHE A 101 -4.45 12.67 22.62
CA PHE A 101 -5.17 12.73 21.37
C PHE A 101 -6.25 13.81 21.49
N ALA A 102 -6.75 14.30 20.37
CA ALA A 102 -7.78 15.32 20.39
C ALA A 102 -9.14 14.68 20.67
N GLU A 103 -10.09 15.51 21.07
CA GLU A 103 -11.43 15.04 21.38
C GLU A 103 -11.98 14.12 20.30
N ASP A 104 -12.01 14.59 19.05
CA ASP A 104 -12.54 13.75 17.99
C ASP A 104 -11.74 12.46 17.81
N GLU A 105 -10.43 12.51 18.02
CA GLU A 105 -9.59 11.33 17.86
C GLU A 105 -9.91 10.32 18.96
N ALA A 106 -10.05 10.80 20.18
CA ALA A 106 -10.35 9.93 21.31
C ALA A 106 -11.71 9.28 21.15
N ARG A 107 -12.67 10.01 20.61
CA ARG A 107 -14.01 9.48 20.41
C ARG A 107 -14.03 8.39 19.35
N ALA A 108 -13.20 8.55 18.32
CA ALA A 108 -13.14 7.57 17.25
C ALA A 108 -12.58 6.27 17.80
N ILE A 109 -11.62 6.38 18.70
CA ILE A 109 -11.02 5.20 19.28
C ILE A 109 -12.04 4.45 20.11
N VAL A 110 -12.74 5.19 20.97
CA VAL A 110 -13.76 4.61 21.83
C VAL A 110 -14.84 3.90 21.03
N ALA A 111 -15.27 4.49 19.92
CA ALA A 111 -16.31 3.90 19.07
C ALA A 111 -15.85 2.60 18.43
N ALA A 112 -14.60 2.57 18.00
CA ALA A 112 -14.06 1.37 17.35
C ALA A 112 -14.04 0.21 18.33
N ARG A 113 -13.72 0.50 19.59
CA ARG A 113 -13.69 -0.54 20.61
C ARG A 113 -15.11 -1.01 20.94
N LEU A 114 -16.04 -0.08 21.01
CA LEU A 114 -17.43 -0.43 21.30
C LEU A 114 -17.93 -1.34 20.19
N ASN A 115 -17.73 -0.91 18.95
CA ASN A 115 -18.17 -1.69 17.80
C ASN A 115 -17.59 -3.09 17.84
N THR A 116 -16.34 -3.20 18.26
CA THR A 116 -15.67 -4.48 18.34
C THR A 116 -16.38 -5.39 19.35
N LEU A 117 -16.65 -4.87 20.54
CA LEU A 117 -17.32 -5.64 21.57
C LEU A 117 -18.74 -5.98 21.15
N ALA A 118 -19.35 -5.09 20.36
CA ALA A 118 -20.71 -5.28 19.90
C ALA A 118 -20.82 -6.34 18.81
N LYS A 119 -19.70 -6.91 18.39
CA LYS A 119 -19.80 -7.93 17.36
C LYS A 119 -20.36 -9.17 18.06
N GLY A 120 -20.06 -9.29 19.34
CA GLY A 120 -20.59 -10.38 20.13
C GLY A 120 -19.74 -11.56 20.52
N HIS A 121 -18.45 -11.54 20.20
CA HIS A 121 -17.59 -12.68 20.54
C HIS A 121 -16.53 -12.39 21.58
N SER A 122 -16.71 -11.32 22.36
CA SER A 122 -15.71 -10.97 23.36
C SER A 122 -15.98 -11.47 24.77
N ALA A 123 -17.19 -11.95 25.02
CA ALA A 123 -17.57 -12.47 26.34
C ALA A 123 -17.56 -11.38 27.38
N VAL A 124 -18.06 -10.21 26.99
CA VAL A 124 -18.14 -9.05 27.87
C VAL A 124 -19.58 -8.81 28.31
N ARG A 125 -19.78 -8.31 29.53
CA ARG A 125 -21.13 -8.02 30.01
C ARG A 125 -21.68 -6.83 29.24
N PRO A 126 -22.98 -6.85 28.94
CA PRO A 126 -23.61 -5.75 28.18
C PRO A 126 -23.34 -4.37 28.78
N ILE A 127 -23.16 -4.30 30.10
CA ILE A 127 -22.93 -3.02 30.76
C ILE A 127 -21.69 -2.31 30.19
N ILE A 128 -20.68 -3.08 29.80
CA ILE A 128 -19.46 -2.51 29.23
C ILE A 128 -19.83 -1.73 27.97
N LEU A 129 -20.55 -2.38 27.07
CA LEU A 129 -20.99 -1.74 25.85
C LEU A 129 -21.87 -0.54 26.17
N GLU A 130 -22.80 -0.73 27.09
CA GLU A 130 -23.70 0.35 27.45
C GLU A 130 -22.96 1.55 28.06
N ARG A 131 -21.97 1.29 28.90
CA ARG A 131 -21.23 2.39 29.50
C ARG A 131 -20.40 3.12 28.45
N LEU A 132 -19.72 2.37 27.59
CA LEU A 132 -18.93 2.96 26.53
C LEU A 132 -19.83 3.86 25.69
N ALA A 133 -21.00 3.33 25.34
CA ALA A 133 -21.97 4.05 24.52
C ALA A 133 -22.48 5.29 25.23
N GLN A 134 -22.48 5.26 26.55
CA GLN A 134 -22.94 6.41 27.33
C GLN A 134 -21.91 7.53 27.23
N TYR A 135 -20.64 7.18 27.37
CA TYR A 135 -19.57 8.16 27.31
C TYR A 135 -19.61 8.97 26.01
N LEU A 136 -19.72 8.28 24.88
CA LEU A 136 -19.77 8.98 23.61
C LEU A 136 -20.98 9.91 23.61
N ASN A 137 -22.13 9.34 23.94
CA ASN A 137 -23.38 10.09 23.96
C ASN A 137 -23.45 11.21 24.99
N GLU A 138 -22.73 11.04 26.09
CA GLU A 138 -22.73 12.04 27.16
C GLU A 138 -21.61 13.07 27.01
N GLY A 139 -20.73 12.86 26.04
CA GLY A 139 -19.66 13.81 25.83
C GLY A 139 -18.48 13.67 26.79
N ILE A 140 -18.32 12.50 27.38
CA ILE A 140 -17.20 12.28 28.29
C ILE A 140 -16.10 11.57 27.48
N THR A 141 -15.07 12.34 27.15
CA THR A 141 -13.94 11.86 26.35
C THR A 141 -12.70 11.53 27.18
N PRO A 142 -12.18 10.32 27.01
CA PRO A 142 -10.98 9.88 27.76
C PRO A 142 -9.73 10.65 27.31
N ALA A 143 -8.79 10.81 28.22
CA ALA A 143 -7.54 11.49 27.91
C ALA A 143 -6.61 10.37 27.44
N ILE A 144 -6.43 10.27 26.14
CA ILE A 144 -5.59 9.21 25.60
C ILE A 144 -4.23 9.71 25.12
N PRO A 145 -3.16 9.35 25.82
CA PRO A 145 -1.85 9.81 25.37
C PRO A 145 -1.52 9.07 24.06
N GLU A 146 -0.87 9.74 23.12
CA GLU A 146 -0.56 9.16 21.81
C GLU A 146 0.48 8.05 21.70
N ILE A 147 1.50 8.05 22.55
CA ILE A 147 2.57 7.03 22.46
C ILE A 147 2.41 5.85 23.43
N GLY A 148 2.94 4.70 23.03
CA GLY A 148 2.87 3.54 23.90
C GLY A 148 2.44 2.25 23.22
N SER A 149 1.53 2.35 22.26
CA SER A 149 1.06 1.17 21.54
C SER A 149 2.07 0.56 20.57
N LEU A 150 2.12 -0.77 20.56
CA LEU A 150 3.03 -1.48 19.65
C LEU A 150 2.17 -2.03 18.50
N GLY A 151 0.91 -1.60 18.45
CA GLY A 151 0.00 -2.06 17.40
C GLY A 151 -0.20 -3.57 17.39
N ASP A 153 -2.87 -2.16 20.61
CA ASP A 153 -2.91 -0.80 21.16
C ASP A 153 -3.19 -0.83 22.67
N LEU A 154 -2.37 -1.59 23.40
CA LEU A 154 -2.51 -1.76 24.84
C LEU A 154 -2.59 -0.51 25.70
N ALA A 155 -1.52 0.28 25.67
CA ALA A 155 -1.45 1.49 26.49
C ALA A 155 -2.60 2.47 26.28
N PRO A 156 -2.82 2.94 25.04
CA PRO A 156 -3.92 3.89 24.82
C PRO A 156 -5.28 3.34 25.20
N LEU A 157 -5.53 2.09 24.88
CA LEU A 157 -6.82 1.50 25.22
C LEU A 157 -6.89 1.34 26.74
N SER A 158 -5.73 1.18 27.38
CA SER A 158 -5.69 1.05 28.83
C SER A 158 -6.11 2.36 29.50
N HIS A 159 -5.75 3.49 28.89
CA HIS A 159 -6.13 4.78 29.46
C HIS A 159 -7.63 4.94 29.34
N VAL A 160 -8.19 4.42 28.26
CA VAL A 160 -9.62 4.47 28.06
C VAL A 160 -10.27 3.55 29.12
N ALA A 161 -9.73 2.33 29.27
CA ALA A 161 -10.25 1.38 30.23
C ALA A 161 -10.33 2.01 31.63
N SER A 162 -9.28 2.71 32.01
CA SER A 162 -9.22 3.37 33.30
C SER A 162 -10.43 4.29 33.58
N THR A 163 -10.86 5.05 32.57
CA THR A 163 -11.99 5.96 32.76
C THR A 163 -13.32 5.27 33.04
N LEU A 164 -13.44 4.00 32.67
CA LEU A 164 -14.67 3.26 32.92
C LEU A 164 -14.71 2.82 34.36
N ILE A 165 -13.53 2.61 34.95
CA ILE A 165 -13.47 2.19 36.35
C ILE A 165 -13.20 3.40 37.24
N GLY A 166 -13.53 4.57 36.70
CA GLY A 166 -13.36 5.81 37.43
C GLY A 166 -11.94 6.23 37.73
N GLU A 167 -10.98 5.73 36.95
CA GLU A 167 -9.59 6.09 37.16
C GLU A 167 -9.05 6.80 35.92
N GLY A 168 -7.74 7.06 35.92
CA GLY A 168 -7.13 7.74 34.80
C GLY A 168 -7.59 9.18 34.68
N TYR A 169 -7.70 9.67 33.45
CA TYR A 169 -8.14 11.03 33.20
C TYR A 169 -9.06 11.14 32.00
N VAL A 170 -9.89 12.18 32.00
CA VAL A 170 -10.79 12.45 30.90
C VAL A 170 -10.41 13.82 30.35
N LEU A 171 -10.66 14.02 29.07
CA LEU A 171 -10.32 15.25 28.37
C LEU A 171 -11.33 16.36 28.53
N ARG A 172 -10.95 17.44 29.20
CA ARG A 172 -11.87 18.56 29.38
C ARG A 172 -11.22 19.88 28.96
N ASP A 173 -11.76 20.48 27.90
CA ASP A 173 -11.24 21.73 27.37
C ASP A 173 -9.74 21.65 27.12
N GLY A 174 -9.33 20.57 26.45
CA GLY A 174 -7.93 20.38 26.12
C GLY A 174 -7.03 19.89 27.25
N ARG A 175 -7.53 19.89 28.48
CA ARG A 175 -6.72 19.45 29.61
C ARG A 175 -7.23 18.18 30.27
N PRO A 176 -6.32 17.42 30.89
CA PRO A 176 -6.75 16.18 31.55
C PRO A 176 -7.26 16.46 32.96
N VAL A 177 -8.42 15.90 33.29
CA VAL A 177 -9.00 16.06 34.61
C VAL A 177 -9.34 14.66 35.13
N GLU A 178 -8.95 14.38 36.37
CA GLU A 178 -9.19 13.06 36.95
C GLU A 178 -10.61 12.58 36.71
N THR A 179 -10.72 11.36 36.22
CA THR A 179 -12.01 10.78 35.93
C THR A 179 -12.90 10.66 37.17
N ALA A 180 -12.30 10.38 38.33
CA ALA A 180 -13.04 10.25 39.58
C ALA A 180 -13.99 11.42 39.82
N GLN A 181 -13.49 12.64 39.63
CA GLN A 181 -14.29 13.85 39.82
C GLN A 181 -15.41 13.97 38.78
N VAL A 182 -15.04 13.86 37.50
CA VAL A 182 -16.02 13.99 36.42
C VAL A 182 -17.23 13.08 36.56
N LEU A 183 -17.02 11.83 36.98
CA LEU A 183 -18.12 10.89 37.14
C LEU A 183 -18.98 11.21 38.35
N ALA A 184 -18.36 11.30 39.52
CA ALA A 184 -19.10 11.62 40.75
C ALA A 184 -19.88 12.90 40.48
N GLU A 185 -19.35 13.72 39.58
CA GLU A 185 -19.97 14.98 39.20
C GLU A 185 -21.31 14.76 38.52
N ARG A 186 -21.29 14.24 37.30
CA ARG A 186 -22.53 14.00 36.58
C ARG A 186 -23.27 12.75 37.09
N GLY A 187 -23.01 12.43 38.34
CA GLY A 187 -23.65 11.28 38.98
C GLY A 187 -23.63 9.89 38.38
N ILE A 188 -22.42 9.38 38.12
CA ILE A 188 -22.24 8.05 37.55
C ILE A 188 -21.33 7.14 38.36
N GLU A 189 -21.85 5.98 38.73
CA GLU A 189 -21.07 5.02 39.51
C GLU A 189 -20.07 4.36 38.56
N PRO A 190 -18.76 4.51 38.84
CA PRO A 190 -17.75 3.90 37.98
C PRO A 190 -17.88 2.38 37.94
N LEU A 191 -17.74 1.79 36.76
CA LEU A 191 -17.84 0.36 36.63
C LEU A 191 -16.74 -0.37 37.39
N GLU A 192 -16.99 -1.64 37.68
CA GLU A 192 -16.06 -2.51 38.36
C GLU A 192 -15.92 -3.70 37.42
N LEU A 193 -14.76 -3.81 36.78
CA LEU A 193 -14.49 -4.86 35.81
C LEU A 193 -14.41 -6.30 36.29
N ARG A 194 -15.07 -7.19 35.56
CA ARG A 194 -15.08 -8.62 35.87
C ARG A 194 -14.21 -9.40 34.89
N PHE A 195 -14.22 -10.72 35.00
CA PHE A 195 -13.41 -11.56 34.13
C PHE A 195 -13.40 -11.28 32.64
N LYS A 196 -12.19 -11.07 32.13
CA LYS A 196 -11.92 -10.81 30.72
C LYS A 196 -12.45 -9.47 30.20
N GLU A 197 -12.97 -8.63 31.09
CA GLU A 197 -13.50 -7.36 30.66
C GLU A 197 -12.34 -6.37 30.57
N GLY A 198 -11.37 -6.50 31.45
CA GLY A 198 -10.23 -5.63 31.40
C GLY A 198 -9.41 -5.90 30.16
N LEU A 199 -9.17 -7.18 29.88
CA LEU A 199 -8.39 -7.58 28.72
C LEU A 199 -9.08 -7.20 27.43
N ALA A 200 -10.37 -7.49 27.34
CA ALA A 200 -11.15 -7.20 26.14
C ALA A 200 -11.17 -5.72 25.78
N LEU A 201 -11.15 -4.88 26.81
CA LEU A 201 -11.19 -3.45 26.57
C LEU A 201 -9.95 -2.90 25.90
N ILE A 202 -8.80 -3.51 26.18
CA ILE A 202 -7.54 -3.03 25.65
C ILE A 202 -6.82 -3.88 24.62
N ASN A 203 -7.26 -5.13 24.46
CA ASN A 203 -6.60 -6.06 23.55
C ASN A 203 -7.10 -6.02 22.11
N GLY A 204 -6.97 -4.88 21.47
CA GLY A 204 -7.43 -4.77 20.09
C GLY A 204 -6.72 -3.67 19.32
N THR A 205 -7.19 -3.42 18.11
CA THR A 205 -6.58 -2.42 17.24
C THR A 205 -7.39 -1.14 17.18
N SER A 206 -8.16 -0.86 18.22
CA SER A 206 -8.99 0.32 18.24
C SER A 206 -8.28 1.67 18.16
N GLY A 207 -7.03 1.72 18.63
CA GLY A 207 -6.29 2.96 18.55
C GLY A 207 -6.02 3.32 17.10
N MET A 208 -5.28 2.47 16.40
CA MET A 208 -4.94 2.68 15.00
C MET A 208 -6.16 2.68 14.08
N THR A 209 -7.14 1.83 14.39
CA THR A 209 -8.35 1.73 13.56
C THR A 209 -9.27 2.95 13.73
N GLY A 210 -9.32 3.49 14.94
CA GLY A 210 -10.13 4.67 15.18
C GLY A 210 -9.50 5.87 14.51
N LEU A 211 -8.23 6.12 14.83
CA LEU A 211 -7.52 7.25 14.24
C LEU A 211 -7.48 7.09 12.72
N GLY A 212 -7.12 5.90 12.25
CA GLY A 212 -7.04 5.63 10.83
C GLY A 212 -8.31 5.98 10.08
N SER A 213 -9.46 5.69 10.67
CA SER A 213 -10.73 6.01 10.03
C SER A 213 -10.86 7.51 9.76
N LEU A 214 -10.57 8.32 10.77
CA LEU A 214 -10.62 9.77 10.63
C LEU A 214 -9.69 10.22 9.51
N VAL A 215 -8.45 9.73 9.57
CA VAL A 215 -7.43 10.09 8.59
C VAL A 215 -7.84 9.71 7.17
N VAL A 216 -8.29 8.48 6.97
CA VAL A 216 -8.68 8.04 5.64
C VAL A 216 -9.87 8.83 5.14
N GLY A 217 -10.89 8.99 5.99
CA GLY A 217 -12.05 9.75 5.58
C GLY A 217 -11.62 11.15 5.16
N ARG A 218 -10.75 11.76 5.95
CA ARG A 218 -10.25 13.08 5.65
C ARG A 218 -9.31 13.07 4.43
N ALA A 219 -8.58 11.99 4.25
CA ALA A 219 -7.67 11.89 3.12
C ALA A 219 -8.45 11.98 1.82
N LEU A 220 -9.61 11.32 1.80
CA LEU A 220 -10.47 11.33 0.64
C LEU A 220 -10.98 12.75 0.34
N GLU A 221 -11.35 13.47 1.39
CA GLU A 221 -11.82 14.84 1.18
C GLU A 221 -10.66 15.66 0.66
N GLN A 222 -9.45 15.36 1.14
CA GLN A 222 -8.28 16.09 0.70
C GLN A 222 -8.04 15.81 -0.78
N ALA A 223 -8.32 14.59 -1.21
CA ALA A 223 -8.15 14.23 -2.61
C ALA A 223 -9.09 15.11 -3.43
N GLN A 224 -10.31 15.25 -2.95
CA GLN A 224 -11.34 16.05 -3.62
C GLN A 224 -10.93 17.53 -3.61
N GLN A 225 -10.43 18.00 -2.48
CA GLN A 225 -10.05 19.39 -2.40
C GLN A 225 -8.78 19.69 -3.19
N ALA A 226 -8.00 18.66 -3.50
CA ALA A 226 -6.79 18.86 -4.29
C ALA A 226 -7.30 19.00 -5.72
N GLU A 227 -8.26 18.16 -6.07
CA GLU A 227 -8.86 18.20 -7.40
C GLU A 227 -9.56 19.55 -7.60
N ILE A 228 -10.22 20.04 -6.55
CA ILE A 228 -10.93 21.31 -6.66
C ILE A 228 -10.01 22.49 -6.97
N VAL A 229 -8.92 22.66 -6.24
CA VAL A 229 -8.03 23.77 -6.55
C VAL A 229 -7.26 23.50 -7.83
N THR A 230 -6.98 22.22 -8.10
CA THR A 230 -6.24 21.87 -9.31
C THR A 230 -7.05 22.30 -10.53
N ALA A 231 -8.37 22.16 -10.42
CA ALA A 231 -9.26 22.53 -11.50
C ALA A 231 -9.27 24.04 -11.69
N LEU A 232 -9.33 24.77 -10.58
CA LEU A 232 -9.32 26.23 -10.61
C LEU A 232 -8.06 26.72 -11.28
N LEU A 233 -6.93 26.13 -10.91
CA LEU A 233 -5.65 26.50 -11.46
C LEU A 233 -5.61 26.23 -12.97
N ILE A 234 -6.10 25.07 -13.38
CA ILE A 234 -6.09 24.73 -14.80
C ILE A 234 -6.85 25.75 -15.63
N GLU A 235 -7.97 26.24 -15.09
CA GLU A 235 -8.76 27.24 -15.78
C GLU A 235 -8.00 28.56 -15.81
N ALA A 236 -7.54 28.99 -14.63
CA ALA A 236 -6.82 30.24 -14.49
C ALA A 236 -5.63 30.36 -15.45
N VAL A 237 -5.11 29.24 -15.92
CA VAL A 237 -3.98 29.27 -16.84
C VAL A 237 -4.39 28.77 -18.22
N ARG A 238 -5.70 28.61 -18.42
CA ARG A 238 -6.25 28.13 -19.68
C ARG A 238 -5.61 26.84 -20.20
N GLY A 239 -5.52 25.82 -19.36
CA GLY A 239 -4.93 24.58 -19.79
C GLY A 239 -5.86 23.77 -20.67
N SER A 240 -5.34 22.71 -21.28
CA SER A 240 -6.14 21.84 -22.15
C SER A 240 -7.02 20.91 -21.32
N THR A 241 -8.14 20.48 -21.90
CA THR A 241 -9.06 19.58 -21.22
C THR A 241 -8.80 18.15 -21.68
N SER A 242 -8.05 18.02 -22.76
CA SER A 242 -7.73 16.73 -23.34
C SER A 242 -7.34 15.64 -22.32
N PRO A 243 -6.40 15.96 -21.39
CA PRO A 243 -5.96 14.99 -20.39
C PRO A 243 -7.04 14.31 -19.54
N PHE A 244 -8.21 14.94 -19.46
CA PHE A 244 -9.29 14.40 -18.64
C PHE A 244 -10.40 13.68 -19.41
N LEU A 245 -10.29 13.63 -20.73
CA LEU A 245 -11.30 12.97 -21.54
C LEU A 245 -11.47 11.53 -21.09
N ALA A 246 -12.71 11.09 -21.00
CA ALA A 246 -13.05 9.74 -20.55
C ALA A 246 -12.41 8.59 -21.34
N GLU A 247 -12.26 8.76 -22.65
CA GLU A 247 -11.67 7.70 -23.45
C GLU A 247 -10.29 7.34 -22.91
N GLY A 248 -9.59 8.33 -22.38
CA GLY A 248 -8.28 8.08 -21.79
C GLY A 248 -8.29 7.15 -20.59
N HIS A 249 -9.26 7.33 -19.68
CA HIS A 249 -9.29 6.51 -18.47
C HIS A 249 -10.35 5.38 -18.40
N ASP A 250 -11.60 5.69 -18.72
CA ASP A 250 -12.66 4.71 -18.70
C ASP A 250 -12.35 3.56 -19.66
N ILE A 251 -11.75 3.88 -20.81
CA ILE A 251 -11.42 2.88 -21.80
C ILE A 251 -9.97 2.43 -21.95
N ALA A 252 -9.03 3.38 -21.96
CA ALA A 252 -7.62 3.06 -22.16
C ALA A 252 -6.82 2.58 -20.92
N ARG A 253 -7.17 3.04 -19.73
CA ARG A 253 -6.45 2.63 -18.51
C ARG A 253 -7.43 2.76 -17.37
N PRO A 254 -8.30 1.76 -17.23
CA PRO A 254 -9.36 1.68 -16.20
C PRO A 254 -9.08 1.46 -14.71
N HIS A 255 -8.14 2.23 -14.15
CA HIS A 255 -7.89 2.14 -12.72
C HIS A 255 -9.05 2.92 -12.12
N GLU A 256 -9.71 2.38 -11.11
CA GLU A 256 -10.85 3.06 -10.53
C GLU A 256 -10.55 4.51 -10.10
N GLY A 257 -9.46 4.70 -9.38
CA GLY A 257 -9.09 6.03 -8.93
C GLY A 257 -8.89 7.01 -10.07
N GLN A 258 -8.19 6.57 -11.11
CA GLN A 258 -7.90 7.40 -12.27
C GLN A 258 -9.20 7.83 -12.94
N ILE A 259 -10.11 6.88 -13.12
CA ILE A 259 -11.42 7.16 -13.71
C ILE A 259 -12.15 8.18 -12.84
N ASP A 260 -12.12 7.98 -11.52
CA ASP A 260 -12.80 8.89 -10.60
C ASP A 260 -12.26 10.32 -10.62
N THR A 261 -10.94 10.48 -10.72
CA THR A 261 -10.37 11.81 -10.75
C THR A 261 -10.64 12.49 -12.08
N ALA A 262 -10.52 11.72 -13.16
CA ALA A 262 -10.77 12.30 -14.48
C ALA A 262 -12.23 12.77 -14.51
N ALA A 263 -13.11 11.99 -13.91
CA ALA A 263 -14.53 12.33 -13.86
C ALA A 263 -14.75 13.60 -13.07
N ASN A 264 -14.23 13.65 -11.85
CA ASN A 264 -14.38 14.84 -11.02
C ASN A 264 -13.80 16.08 -11.69
N MET A 265 -12.69 15.92 -12.40
CA MET A 265 -12.07 17.05 -13.07
C MET A 265 -12.93 17.61 -14.20
N ARG A 266 -13.59 16.73 -14.95
CA ARG A 266 -14.45 17.19 -16.03
C ARG A 266 -15.65 17.94 -15.46
N ALA A 267 -16.18 17.46 -14.34
CA ALA A 267 -17.33 18.11 -13.72
C ALA A 267 -16.97 19.49 -13.18
N LEU A 268 -15.81 19.60 -12.55
CA LEU A 268 -15.36 20.86 -11.97
C LEU A 268 -15.03 21.94 -12.99
N MET A 269 -14.53 21.54 -14.15
CA MET A 269 -14.16 22.51 -15.18
C MET A 269 -15.27 22.73 -16.21
N ARG A 270 -16.34 21.95 -16.08
CA ARG A 270 -17.41 22.00 -17.06
C ARG A 270 -17.99 23.40 -17.14
N GLY A 271 -18.22 23.87 -18.35
CA GLY A 271 -18.76 25.19 -18.59
C GLY A 271 -17.74 26.28 -18.38
N SER A 272 -16.46 25.96 -18.55
CA SER A 272 -15.41 26.94 -18.38
C SER A 272 -15.21 27.71 -19.67
N GLY A 273 -14.97 29.01 -19.55
CA GLY A 273 -14.75 29.83 -20.74
C GLY A 273 -13.27 30.00 -20.97
N LEU A 274 -12.48 29.61 -19.97
CA LEU A 274 -11.03 29.75 -20.05
C LEU A 274 -10.27 28.56 -20.61
N THR A 275 -10.72 27.34 -20.29
CA THR A 275 -10.05 26.13 -20.75
C THR A 275 -10.07 26.00 -22.27
N VAL A 276 -9.11 25.26 -22.82
CA VAL A 276 -9.03 25.06 -24.26
C VAL A 276 -9.19 23.61 -24.70
N GLU A 277 -9.90 23.43 -25.80
CA GLU A 277 -10.11 22.09 -26.37
C GLU A 277 -8.90 21.76 -27.21
N HIS A 278 -8.50 20.49 -27.24
CA HIS A 278 -7.36 20.07 -28.03
C HIS A 278 -7.45 20.61 -29.46
N ALA A 279 -8.60 20.40 -30.08
CA ALA A 279 -8.83 20.84 -31.46
C ALA A 279 -8.47 22.29 -31.68
N ASP A 280 -8.77 23.14 -30.69
CA ASP A 280 -8.46 24.56 -30.80
C ASP A 280 -6.94 24.76 -30.82
N LEU A 281 -6.23 24.06 -29.94
CA LEU A 281 -4.77 24.18 -29.89
C LEU A 281 -4.18 23.70 -31.20
N ARG A 282 -4.59 22.50 -31.60
CA ARG A 282 -4.12 21.90 -32.84
C ARG A 282 -4.28 22.89 -34.01
N ARG A 283 -5.41 23.58 -34.06
CA ARG A 283 -5.66 24.53 -35.13
C ARG A 283 -4.91 25.85 -34.96
N GLU A 284 -4.83 26.37 -33.73
CA GLU A 284 -4.11 27.62 -33.52
C GLU A 284 -2.63 27.37 -33.81
N LEU A 285 -2.11 26.26 -33.31
CA LEU A 285 -0.72 25.92 -33.50
C LEU A 285 -0.39 25.76 -34.99
N GLN A 286 -1.29 25.11 -35.71
CA GLN A 286 -1.09 24.87 -37.13
C GLN A 286 -0.98 26.17 -37.92
N LYS A 287 -1.89 27.11 -37.68
CA LYS A 287 -1.86 28.38 -38.39
C LYS A 287 -0.56 29.11 -38.10
N ASP A 288 -0.01 28.87 -36.92
CA ASP A 288 1.23 29.51 -36.49
C ASP A 288 2.48 28.93 -37.18
N LYS A 289 2.29 27.88 -37.96
CA LYS A 289 3.39 27.23 -38.67
C LYS A 289 3.55 27.64 -40.14
N GLU A 290 4.80 27.79 -40.57
CA GLU A 290 5.10 28.14 -41.96
C GLU A 290 5.42 26.86 -42.74
N ALA A 291 4.53 26.51 -43.66
CA ALA A 291 4.68 25.31 -44.48
C ALA A 291 5.98 25.24 -45.29
N GLY A 292 6.77 26.31 -45.25
CA GLY A 292 8.02 26.34 -46.01
C GLY A 292 9.21 25.60 -45.42
N LYS A 293 9.26 25.47 -44.09
CA LYS A 293 10.39 24.79 -43.46
C LYS A 293 10.04 23.60 -42.57
N ASP A 294 10.97 22.65 -42.52
CA ASP A 294 10.81 21.42 -41.77
C ASP A 294 10.81 21.57 -40.23
N VAL A 295 11.73 22.39 -39.70
CA VAL A 295 11.79 22.59 -38.26
C VAL A 295 11.64 24.06 -37.88
N GLN A 296 10.63 24.37 -37.09
CA GLN A 296 10.37 25.76 -36.67
C GLN A 296 9.95 25.84 -35.21
N ARG A 297 10.18 27.01 -34.61
CA ARG A 297 9.85 27.26 -33.21
C ARG A 297 8.44 27.86 -33.04
N SER A 298 7.84 27.60 -31.89
CA SER A 298 6.51 28.11 -31.58
C SER A 298 6.40 28.37 -30.08
N GLU A 299 5.54 29.31 -29.71
CA GLU A 299 5.34 29.63 -28.31
C GLU A 299 4.08 28.96 -27.76
N ILE A 300 3.44 28.15 -28.60
CA ILE A 300 2.23 27.43 -28.20
C ILE A 300 2.57 26.00 -27.76
N TYR A 301 2.05 25.61 -26.61
CA TYR A 301 2.30 24.28 -26.06
C TYR A 301 1.07 23.40 -26.25
N LEU A 302 1.16 22.49 -27.20
CA LEU A 302 0.05 21.57 -27.50
C LEU A 302 -0.37 20.84 -26.22
N GLN A 303 0.60 20.56 -25.36
CA GLN A 303 0.37 19.91 -24.07
C GLN A 303 0.97 20.79 -22.98
N LYS A 304 0.53 20.55 -21.75
CA LYS A 304 1.03 21.30 -20.62
C LYS A 304 1.94 20.34 -19.85
N ALA A 305 2.66 20.85 -18.85
CA ALA A 305 3.56 19.98 -18.09
C ALA A 305 2.78 18.90 -17.35
N TYR A 306 3.51 17.92 -16.84
CA TYR A 306 2.91 16.80 -16.12
C TYR A 306 1.97 17.24 -14.99
N SER A 307 2.40 18.20 -14.19
CA SER A 307 1.59 18.66 -13.07
C SER A 307 0.20 19.19 -13.42
N LEU A 308 -0.07 19.37 -14.71
CA LEU A 308 -1.36 19.87 -15.16
C LEU A 308 -1.93 18.97 -16.25
N ARG A 309 -1.36 17.78 -16.37
CA ARG A 309 -1.78 16.83 -17.41
C ARG A 309 -1.95 15.43 -16.82
N ALA A 310 -1.11 15.12 -15.83
CA ALA A 310 -1.13 13.81 -15.18
C ALA A 310 -1.95 13.72 -13.90
N ILE A 311 -2.83 14.69 -13.67
CA ILE A 311 -3.66 14.69 -12.47
C ILE A 311 -4.44 13.38 -12.29
N PRO A 312 -5.07 12.88 -13.36
CA PRO A 312 -5.83 11.62 -13.27
C PRO A 312 -4.99 10.43 -12.81
N GLN A 313 -3.79 10.30 -13.37
CA GLN A 313 -2.90 9.19 -13.05
C GLN A 313 -2.41 9.22 -11.60
N VAL A 314 -1.87 10.36 -11.19
CA VAL A 314 -1.33 10.52 -9.84
C VAL A 314 -2.42 10.58 -8.76
N VAL A 315 -3.34 11.55 -8.84
CA VAL A 315 -4.39 11.62 -7.82
C VAL A 315 -5.20 10.33 -7.85
N GLY A 316 -5.32 9.74 -9.04
CA GLY A 316 -6.06 8.50 -9.15
C GLY A 316 -5.38 7.39 -8.36
N ALA A 317 -4.06 7.29 -8.48
CA ALA A 317 -3.30 6.27 -7.77
C ALA A 317 -3.45 6.48 -6.26
N VAL A 318 -3.54 7.75 -5.86
CA VAL A 318 -3.70 8.08 -4.45
C VAL A 318 -5.07 7.58 -4.00
N ARG A 319 -6.09 7.86 -4.82
CA ARG A 319 -7.45 7.41 -4.54
C ARG A 319 -7.49 5.89 -4.40
N ASP A 320 -6.87 5.15 -5.32
CA ASP A 320 -6.84 3.69 -5.25
C ASP A 320 -6.29 3.25 -3.89
N THR A 321 -5.25 3.92 -3.44
CA THR A 321 -4.63 3.59 -2.16
C THR A 321 -5.60 3.86 -1.01
N LEU A 322 -6.29 5.00 -1.05
CA LEU A 322 -7.25 5.37 -0.02
C LEU A 322 -8.47 4.44 -0.04
N TYR A 323 -8.86 3.97 -1.23
CA TYR A 323 -10.01 3.08 -1.32
C TYR A 323 -9.65 1.77 -0.62
N HIS A 324 -8.45 1.26 -0.91
CA HIS A 324 -7.95 0.04 -0.31
C HIS A 324 -7.93 0.19 1.20
N ALA A 325 -7.34 1.29 1.68
CA ALA A 325 -7.27 1.53 3.11
C ALA A 325 -8.67 1.59 3.74
N ARG A 326 -9.59 2.32 3.13
CA ARG A 326 -10.95 2.42 3.67
C ARG A 326 -11.60 1.02 3.73
N HIS A 327 -11.25 0.18 2.77
CA HIS A 327 -11.75 -1.18 2.67
C HIS A 327 -11.28 -2.02 3.86
N LYS A 328 -10.01 -1.91 4.19
CA LYS A 328 -9.44 -2.67 5.30
C LYS A 328 -10.01 -2.19 6.63
N LEU A 329 -10.16 -0.87 6.78
CA LEU A 329 -10.71 -0.29 8.01
C LEU A 329 -12.15 -0.69 8.27
N ARG A 330 -12.93 -0.72 7.20
CA ARG A 330 -14.34 -1.09 7.28
C ARG A 330 -14.44 -2.52 7.81
N ILE A 331 -13.57 -3.39 7.31
CA ILE A 331 -13.57 -4.78 7.78
C ILE A 331 -13.13 -4.82 9.24
N GLU A 332 -12.02 -4.15 9.54
CA GLU A 332 -11.46 -4.12 10.89
C GLU A 332 -12.44 -3.55 11.91
N LEU A 333 -13.03 -2.40 11.59
CA LEU A 333 -14.00 -1.77 12.50
C LEU A 333 -15.05 -2.80 12.93
N ASN A 334 -15.45 -3.62 11.97
CA ASN A 334 -16.47 -4.65 12.18
C ASN A 334 -15.91 -6.02 12.50
N SER A 335 -14.69 -6.07 13.00
CA SER A 335 -14.08 -7.35 13.34
C SER A 335 -13.99 -7.51 14.84
N ALA A 336 -13.79 -8.74 15.27
CA ALA A 336 -13.63 -9.02 16.68
C ALA A 336 -12.14 -9.00 16.92
N ASN A 337 -11.55 -7.80 16.84
CA ASN A 337 -10.11 -7.67 17.07
C ASN A 337 -9.93 -7.64 18.58
N ASP A 338 -9.82 -8.85 19.14
CA ASP A 338 -9.67 -9.07 20.57
C ASP A 338 -9.28 -10.53 20.78
N ASN A 339 -8.97 -10.93 22.01
CA ASN A 339 -8.57 -12.31 22.27
C ASN A 339 -8.75 -12.47 23.79
N PRO A 340 -9.15 -13.68 24.22
CA PRO A 340 -9.44 -14.85 23.39
C PRO A 340 -10.87 -14.53 22.97
N LEU A 341 -11.47 -15.37 22.12
CA LEU A 341 -12.84 -15.14 21.65
C LEU A 341 -13.78 -16.31 21.93
N PHE A 342 -15.09 -16.05 21.87
CA PHE A 342 -16.09 -17.10 22.14
C PHE A 342 -17.16 -17.28 21.08
N PHE A 343 -17.32 -18.54 20.64
CA PHE A 343 -18.28 -18.92 19.63
C PHE A 343 -19.17 -20.05 20.12
N GLU A 344 -20.35 -20.19 19.52
CA GLU A 344 -21.32 -21.23 19.89
C GLU A 344 -20.70 -22.62 19.86
N GLY A 345 -21.01 -23.42 20.88
CA GLY A 345 -20.48 -24.77 20.95
C GLY A 345 -19.06 -24.88 20.41
N LYS A 346 -18.25 -23.87 20.71
CA LYS A 346 -16.86 -23.83 20.27
C LYS A 346 -15.95 -23.71 21.47
N GLU A 347 -14.71 -24.14 21.31
CA GLU A 347 -13.72 -24.05 22.38
C GLU A 347 -13.28 -22.59 22.38
N ILE A 348 -12.73 -22.13 23.48
CA ILE A 348 -12.27 -20.75 23.58
C ILE A 348 -11.24 -20.53 22.48
N PHE A 349 -11.58 -19.74 21.46
CA PHE A 349 -10.65 -19.46 20.36
C PHE A 349 -9.45 -18.61 20.81
N HIS A 350 -8.26 -19.18 20.74
CA HIS A 350 -7.06 -18.45 21.12
C HIS A 350 -6.29 -18.15 19.84
N GLY A 351 -6.22 -16.87 19.49
CA GLY A 351 -5.54 -16.46 18.28
C GLY A 351 -4.79 -15.15 18.46
N ALA A 352 -4.77 -14.32 17.43
CA ALA A 352 -4.06 -13.05 17.49
C ALA A 352 -4.79 -11.95 16.72
N ASN A 353 -6.11 -11.89 16.86
CA ASN A 353 -6.89 -10.88 16.16
C ASN A 353 -6.66 -9.48 16.70
N PHE A 354 -5.76 -9.38 17.68
CA PHE A 354 -5.39 -8.10 18.28
C PHE A 354 -4.24 -7.51 17.46
N HIS A 355 -3.62 -8.34 16.62
CA HIS A 355 -2.49 -7.90 15.83
C HIS A 355 -2.94 -6.94 14.72
N GLY A 356 -2.44 -5.71 14.76
CA GLY A 356 -2.85 -4.72 13.77
C GLY A 356 -2.13 -4.60 12.45
N GLN A 357 -1.46 -5.67 12.01
CA GLN A 357 -0.75 -5.60 10.75
C GLN A 357 -1.57 -5.11 9.57
N PRO A 358 -2.81 -5.63 9.42
CA PRO A 358 -3.65 -5.18 8.30
C PRO A 358 -3.81 -3.68 8.20
N ILE A 359 -4.01 -3.05 9.35
CA ILE A 359 -4.19 -1.61 9.40
C ILE A 359 -2.85 -0.89 9.45
N ALA A 360 -1.85 -1.52 10.06
CA ALA A 360 -0.54 -0.92 10.09
C ALA A 360 -0.08 -0.73 8.63
N PHE A 361 -0.27 -1.75 7.80
CA PHE A 361 0.11 -1.65 6.38
C PHE A 361 -0.71 -0.59 5.66
N ALA A 362 -2.03 -0.69 5.79
CA ALA A 362 -2.93 0.25 5.15
C ALA A 362 -2.56 1.71 5.41
N MET A 363 -2.22 2.04 6.65
CA MET A 363 -1.86 3.41 6.98
C MET A 363 -0.48 3.80 6.46
N ASP A 364 0.48 2.86 6.48
CA ASP A 364 1.79 3.19 5.94
C ASP A 364 1.59 3.53 4.46
N PHE A 365 0.65 2.84 3.81
CA PHE A 365 0.41 3.09 2.39
C PHE A 365 -0.27 4.46 2.20
N VAL A 366 -1.11 4.86 3.15
CA VAL A 366 -1.77 6.15 3.10
C VAL A 366 -0.72 7.25 3.23
N THR A 367 0.25 7.04 4.12
CA THR A 367 1.32 8.02 4.31
C THR A 367 2.02 8.29 2.98
N ILE A 368 2.35 7.20 2.28
CA ILE A 368 3.02 7.29 1.00
C ILE A 368 2.18 8.00 -0.05
N ALA A 369 0.92 7.58 -0.17
CA ALA A 369 0.01 8.17 -1.14
C ALA A 369 -0.20 9.66 -0.93
N LEU A 370 -0.45 10.07 0.30
CA LEU A 370 -0.66 11.48 0.59
C LEU A 370 0.63 12.30 0.42
N THR A 371 1.78 11.64 0.55
CA THR A 371 3.02 12.37 0.37
C THR A 371 3.11 12.78 -1.10
N GLN A 372 2.77 11.88 -2.01
CA GLN A 372 2.83 12.19 -3.43
C GLN A 372 1.75 13.22 -3.77
N LEU A 373 0.59 13.14 -3.12
CA LEU A 373 -0.48 14.11 -3.37
C LEU A 373 0.11 15.50 -3.11
N GLY A 374 0.89 15.61 -2.03
CA GLY A 374 1.54 16.86 -1.67
C GLY A 374 2.64 17.26 -2.66
N VAL A 375 3.39 16.27 -3.13
CA VAL A 375 4.45 16.53 -4.10
C VAL A 375 3.85 17.21 -5.33
N LEU A 376 2.70 16.69 -5.78
CA LEU A 376 2.03 17.23 -6.95
C LEU A 376 1.51 18.65 -6.73
N ALA A 377 0.92 18.89 -5.56
CA ALA A 377 0.38 20.21 -5.27
C ALA A 377 1.48 21.26 -5.23
N GLU A 378 2.62 20.91 -4.63
CA GLU A 378 3.73 21.84 -4.51
C GLU A 378 4.30 22.18 -5.90
N ARG A 379 4.39 21.19 -6.79
CA ARG A 379 4.90 21.46 -8.12
C ARG A 379 3.91 22.30 -8.93
N GLN A 380 2.62 22.19 -8.64
CA GLN A 380 1.65 23.02 -9.35
C GLN A 380 1.84 24.46 -8.86
N ILE A 381 2.18 24.62 -7.59
CA ILE A 381 2.43 25.96 -7.06
C ILE A 381 3.65 26.52 -7.78
N ASN A 382 4.69 25.71 -7.92
CA ASN A 382 5.91 26.15 -8.60
C ASN A 382 5.59 26.55 -10.04
N ARG A 383 4.61 25.86 -10.60
CA ARG A 383 4.15 26.08 -11.96
C ARG A 383 3.64 27.51 -12.12
N VAL A 384 2.70 27.89 -11.27
CA VAL A 384 2.08 29.20 -11.33
C VAL A 384 2.94 30.37 -10.90
N LEU A 385 3.91 30.13 -10.03
CA LEU A 385 4.79 31.20 -9.55
C LEU A 385 5.99 31.52 -10.43
N ASN A 386 6.42 30.57 -11.26
CA ASN A 386 7.56 30.77 -12.14
C ASN A 386 7.13 31.37 -13.48
N ARG A 387 7.65 32.55 -13.80
CA ARG A 387 7.28 33.23 -15.05
C ARG A 387 7.49 32.40 -16.34
N HIS A 388 8.54 31.60 -16.38
CA HIS A 388 8.79 30.79 -17.58
C HIS A 388 7.82 29.62 -17.70
N LEU A 389 7.17 29.29 -16.59
CA LEU A 389 6.25 28.17 -16.56
C LEU A 389 4.77 28.54 -16.48
N SER A 390 4.46 29.72 -15.95
CA SER A 390 3.07 30.16 -15.80
C SER A 390 2.26 30.41 -17.06
N TYR A 391 2.94 30.44 -18.21
CA TYR A 391 2.28 30.64 -19.49
C TYR A 391 1.86 32.09 -19.74
N GLY A 392 2.36 33.03 -18.95
CA GLY A 392 1.97 34.41 -19.14
C GLY A 392 1.89 35.30 -17.90
N LEU A 393 1.46 34.73 -16.78
CA LEU A 393 1.35 35.48 -15.53
C LEU A 393 2.68 36.09 -15.12
N PRO A 394 2.66 37.14 -14.28
CA PRO A 394 3.87 37.80 -13.80
C PRO A 394 4.60 36.96 -12.74
N GLU A 395 5.90 37.15 -12.64
CA GLU A 395 6.69 36.40 -11.68
C GLU A 395 6.16 36.48 -10.24
N PHE A 396 6.04 35.30 -9.64
CA PHE A 396 5.56 35.16 -8.26
C PHE A 396 4.23 35.87 -8.00
N LEU A 397 3.46 36.05 -9.06
CA LEU A 397 2.14 36.68 -9.01
C LEU A 397 2.11 38.09 -8.40
N VAL A 398 3.11 38.91 -8.73
CA VAL A 398 3.17 40.28 -8.21
C VAL A 398 2.13 41.17 -8.91
N SER A 399 1.49 42.03 -8.14
CA SER A 399 0.60 43.05 -8.70
C SER A 399 1.38 44.37 -8.71
N GLY A 400 2.20 44.53 -7.67
CA GLY A 400 3.07 45.67 -7.46
C GLY A 400 4.31 45.63 -8.32
N ASP A 401 5.04 46.75 -8.41
CA ASP A 401 6.25 46.74 -9.22
C ASP A 401 7.02 45.57 -8.64
N PRO A 402 7.57 44.76 -9.53
CA PRO A 402 8.07 43.43 -9.15
C PRO A 402 9.46 43.80 -8.65
N GLY A 403 10.10 42.88 -7.92
CA GLY A 403 11.41 43.20 -7.38
C GLY A 403 11.19 44.00 -6.11
N LEU A 404 10.49 45.13 -6.24
CA LEU A 404 10.18 45.98 -5.09
C LEU A 404 9.23 45.19 -4.19
N HIS A 405 8.38 44.38 -4.80
CA HIS A 405 7.44 43.52 -4.09
C HIS A 405 7.78 42.09 -4.49
N SER A 406 7.70 41.16 -3.54
CA SER A 406 8.01 39.77 -3.85
C SER A 406 6.78 38.92 -4.16
N GLY A 407 5.60 39.39 -3.82
CA GLY A 407 4.39 38.63 -4.09
C GLY A 407 4.28 37.36 -3.26
N PHE A 408 4.08 36.23 -3.94
CA PHE A 408 3.96 34.94 -3.27
C PHE A 408 5.29 34.21 -3.13
N ALA A 409 6.36 34.88 -3.55
CA ALA A 409 7.70 34.30 -3.49
C ALA A 409 8.01 33.63 -2.16
N GLY A 410 7.88 34.37 -1.07
CA GLY A 410 8.16 33.80 0.25
C GLY A 410 7.18 32.74 0.71
N ALA A 411 5.95 32.80 0.22
CA ALA A 411 4.92 31.84 0.60
C ALA A 411 5.15 30.46 -0.03
N GLN A 412 5.95 30.39 -1.09
CA GLN A 412 6.19 29.10 -1.71
C GLN A 412 7.08 28.22 -0.86
N TYR A 413 7.91 28.85 -0.03
CA TYR A 413 8.84 28.11 0.80
C TYR A 413 8.25 27.09 1.76
N PRO A 414 7.22 27.46 2.54
CA PRO A 414 6.68 26.43 3.45
C PRO A 414 6.05 25.24 2.71
N ALA A 415 5.55 25.48 1.50
CA ALA A 415 4.97 24.41 0.71
C ALA A 415 6.10 23.45 0.31
N THR A 416 7.14 24.01 -0.30
CA THR A 416 8.31 23.25 -0.73
C THR A 416 8.92 22.53 0.48
N ALA A 417 9.01 23.24 1.60
CA ALA A 417 9.59 22.67 2.81
C ALA A 417 8.80 21.49 3.33
N LEU A 418 7.47 21.57 3.26
CA LEU A 418 6.62 20.50 3.74
C LEU A 418 6.78 19.21 2.92
N VAL A 419 7.01 19.35 1.61
CA VAL A 419 7.21 18.17 0.77
C VAL A 419 8.43 17.43 1.30
N ALA A 420 9.47 18.18 1.62
CA ALA A 420 10.69 17.60 2.14
C ALA A 420 10.45 16.95 3.51
N GLU A 421 9.65 17.59 4.36
CA GLU A 421 9.39 17.04 5.68
C GLU A 421 8.57 15.75 5.61
N ASN A 422 7.60 15.71 4.70
CA ASN A 422 6.79 14.52 4.55
C ASN A 422 7.63 13.33 4.08
N ARG A 423 8.63 13.62 3.26
CA ARG A 423 9.53 12.58 2.77
C ARG A 423 10.45 12.00 3.85
N THR A 424 10.53 12.64 5.02
CA THR A 424 11.37 12.13 6.11
C THR A 424 10.59 11.11 6.95
N ILE A 425 9.29 10.99 6.65
CA ILE A 425 8.42 10.08 7.38
C ILE A 425 8.44 8.68 6.77
N GLY A 426 9.14 7.75 7.43
CA GLY A 426 9.24 6.41 6.92
C GLY A 426 8.14 5.47 7.42
N PRO A 427 7.96 4.32 6.74
CA PRO A 427 6.96 3.32 7.12
C PRO A 427 7.23 2.83 8.53
N ALA A 428 6.18 2.56 9.30
CA ALA A 428 6.35 2.05 10.66
C ALA A 428 5.93 0.58 10.82
N SER A 429 5.04 0.13 9.95
CA SER A 429 4.51 -1.23 10.01
C SER A 429 5.54 -2.34 9.92
N THR A 430 6.77 -1.97 9.57
CA THR A 430 7.86 -2.94 9.44
C THR A 430 8.92 -2.73 10.50
N GLN A 431 8.67 -1.82 11.43
CA GLN A 431 9.64 -1.51 12.48
C GLN A 431 9.42 -2.25 13.80
N SER A 432 8.82 -3.43 13.75
CA SER A 432 8.59 -4.21 14.96
C SER A 432 9.86 -4.39 15.78
N VAL A 433 9.71 -4.35 17.10
CA VAL A 433 10.82 -4.57 18.04
C VAL A 433 10.23 -5.54 19.08
N PRO A 434 10.93 -6.64 19.40
CA PRO A 434 10.44 -7.62 20.37
C PRO A 434 10.48 -7.15 21.83
N SER A 435 9.45 -7.50 22.58
CA SER A 435 9.39 -7.13 23.99
C SER A 435 8.55 -8.16 24.77
N ASN A 436 8.31 -7.86 26.04
CA ASN A 436 7.52 -8.74 26.89
C ASN A 436 8.14 -10.13 26.94
N GLY A 437 9.44 -10.18 27.19
CA GLY A 437 10.13 -11.46 27.26
C GLY A 437 9.94 -12.27 25.99
N ASP A 438 10.07 -11.59 24.84
CA ASP A 438 9.92 -12.21 23.53
C ASP A 438 8.52 -12.77 23.26
N ASN A 439 7.56 -12.46 24.14
CA ASN A 439 6.19 -12.92 23.94
C ASN A 439 5.64 -12.16 22.74
N GLN A 440 5.79 -10.84 22.76
CA GLN A 440 5.32 -10.03 21.63
C GLN A 440 6.55 -9.89 20.73
N ASP A 441 7.02 -10.99 20.14
CA ASP A 441 8.20 -10.86 19.30
C ASP A 441 7.96 -10.28 17.90
N VAL A 442 6.70 -10.07 17.54
CA VAL A 442 6.35 -9.46 16.23
C VAL A 442 5.10 -8.59 16.37
N VAL A 443 5.28 -7.28 16.36
CA VAL A 443 4.16 -6.35 16.50
C VAL A 443 4.02 -5.54 15.22
N SER A 444 3.05 -4.64 15.15
CA SER A 444 2.85 -3.89 13.90
C SER A 444 3.11 -2.40 13.93
N MET A 445 3.16 -1.81 15.12
CA MET A 445 3.39 -0.38 15.28
C MET A 445 2.38 0.43 14.46
N GLY A 446 1.22 -0.17 14.19
CA GLY A 446 0.20 0.50 13.41
C GLY A 446 -0.28 1.85 13.88
N LEU A 447 -0.27 2.12 15.19
CA LEU A 447 -0.73 3.43 15.63
C LEU A 447 0.26 4.50 15.18
N ILE A 448 1.54 4.14 15.08
CA ILE A 448 2.55 5.07 14.58
C ILE A 448 2.24 5.33 13.10
N SER A 449 1.84 4.28 12.39
CA SER A 449 1.50 4.41 10.98
C SER A 449 0.33 5.38 10.84
N ALA A 450 -0.68 5.23 11.68
CA ALA A 450 -1.84 6.10 11.63
C ALA A 450 -1.43 7.54 11.90
N ARG A 451 -0.58 7.73 12.90
CA ARG A 451 -0.12 9.07 13.23
C ARG A 451 0.76 9.66 12.12
N ASN A 452 1.48 8.79 11.40
CA ASN A 452 2.33 9.24 10.30
C ASN A 452 1.43 9.83 9.20
N ALA A 453 0.38 9.09 8.85
CA ALA A 453 -0.56 9.51 7.83
C ALA A 453 -1.30 10.79 8.26
N ARG A 454 -1.60 10.90 9.55
CA ARG A 454 -2.28 12.07 10.06
C ARG A 454 -1.38 13.29 9.83
N ARG A 455 -0.09 13.15 10.15
CA ARG A 455 0.87 14.24 10.00
C ARG A 455 0.98 14.73 8.56
N VAL A 456 1.11 13.80 7.60
CA VAL A 456 1.21 14.18 6.19
C VAL A 456 -0.09 14.86 5.75
N LEU A 457 -1.22 14.31 6.18
CA LEU A 457 -2.52 14.89 5.86
C LEU A 457 -2.52 16.34 6.34
N SER A 458 -2.13 16.52 7.60
CA SER A 458 -2.09 17.85 8.19
C SER A 458 -1.17 18.80 7.41
N ASN A 459 0.00 18.32 7.05
CA ASN A 459 0.95 19.13 6.30
C ASN A 459 0.44 19.44 4.90
N ASN A 460 -0.33 18.51 4.33
CA ASN A 460 -0.88 18.70 3.00
C ASN A 460 -1.90 19.84 2.96
N ASN A 461 -2.57 20.11 4.09
CA ASN A 461 -3.53 21.20 4.07
C ASN A 461 -2.80 22.54 3.93
N LYS A 462 -1.60 22.62 4.50
CA LYS A 462 -0.84 23.85 4.41
C LYS A 462 -0.33 24.00 2.98
N ILE A 463 0.11 22.88 2.38
CA ILE A 463 0.58 22.93 1.01
C ILE A 463 -0.56 23.40 0.11
N LEU A 464 -1.72 22.76 0.26
CA LEU A 464 -2.88 23.13 -0.56
C LEU A 464 -3.32 24.56 -0.27
N ALA A 465 -3.17 24.99 0.98
CA ALA A 465 -3.57 26.35 1.33
C ALA A 465 -2.82 27.34 0.44
N VAL A 466 -1.51 27.15 0.31
CA VAL A 466 -0.72 28.04 -0.53
C VAL A 466 -1.20 27.93 -1.97
N GLU A 467 -1.62 26.74 -2.38
CA GLU A 467 -2.08 26.56 -3.75
C GLU A 467 -3.40 27.27 -4.00
N TYR A 468 -4.29 27.24 -3.01
CA TYR A 468 -5.56 27.92 -3.15
C TYR A 468 -5.34 29.42 -3.24
N LEU A 469 -4.51 29.95 -2.35
CA LEU A 469 -4.22 31.37 -2.36
C LEU A 469 -3.58 31.78 -3.68
N ALA A 470 -2.66 30.94 -4.17
CA ALA A 470 -1.98 31.19 -5.42
C ALA A 470 -2.94 31.19 -6.60
N ALA A 471 -3.81 30.19 -6.67
CA ALA A 471 -4.78 30.07 -7.74
C ALA A 471 -5.75 31.27 -7.78
N ALA A 472 -6.22 31.68 -6.60
CA ALA A 472 -7.15 32.82 -6.54
C ALA A 472 -6.41 34.07 -7.01
N GLN A 473 -5.15 34.22 -6.61
CA GLN A 473 -4.36 35.39 -6.99
C GLN A 473 -4.15 35.44 -8.50
N ALA A 474 -3.84 34.30 -9.10
CA ALA A 474 -3.60 34.23 -10.54
C ALA A 474 -4.84 34.65 -11.31
N VAL A 475 -6.01 34.49 -10.69
CA VAL A 475 -7.25 34.87 -11.33
C VAL A 475 -7.34 36.40 -11.35
N ASP A 476 -7.08 37.01 -10.20
CA ASP A 476 -7.13 38.47 -10.07
C ASP A 476 -6.13 39.18 -11.00
N ILE A 477 -4.92 38.64 -11.08
CA ILE A 477 -3.87 39.23 -11.90
C ILE A 477 -4.14 39.08 -13.39
N SER A 478 -4.76 37.96 -13.75
CA SER A 478 -5.05 37.68 -15.16
C SER A 478 -6.37 38.31 -15.56
N GLY A 479 -7.20 38.63 -14.57
CA GLY A 479 -8.49 39.21 -14.86
C GLY A 479 -9.34 38.22 -15.63
N ARG A 480 -9.29 36.96 -15.20
CA ARG A 480 -10.05 35.91 -15.87
C ARG A 480 -11.24 35.40 -15.06
N PHE A 481 -11.63 36.13 -14.03
CA PHE A 481 -12.76 35.71 -13.19
C PHE A 481 -14.05 35.46 -13.96
N ASP A 482 -14.39 36.36 -14.89
CA ASP A 482 -15.61 36.20 -15.67
C ASP A 482 -15.60 34.99 -16.59
N GLY A 483 -14.42 34.39 -16.74
CA GLY A 483 -14.30 33.20 -17.58
C GLY A 483 -14.34 31.92 -16.79
N LEU A 484 -14.19 32.02 -15.47
CA LEU A 484 -14.21 30.83 -14.63
C LEU A 484 -15.53 30.09 -14.71
N SER A 485 -15.45 28.78 -14.51
CA SER A 485 -16.63 27.93 -14.55
C SER A 485 -17.42 28.14 -13.26
N PRO A 486 -18.65 27.61 -13.20
CA PRO A 486 -19.45 27.78 -11.99
C PRO A 486 -18.70 27.30 -10.76
N ALA A 487 -18.06 26.13 -10.87
CA ALA A 487 -17.30 25.57 -9.76
C ALA A 487 -16.09 26.44 -9.40
N ALA A 488 -15.33 26.84 -10.40
CA ALA A 488 -14.16 27.69 -10.18
C ALA A 488 -14.56 29.01 -9.51
N LYS A 489 -15.73 29.54 -9.85
CA LYS A 489 -16.19 30.79 -9.25
C LYS A 489 -16.47 30.56 -7.78
N ALA A 490 -17.08 29.42 -7.47
CA ALA A 490 -17.38 29.08 -6.08
C ALA A 490 -16.07 28.98 -5.32
N THR A 491 -15.16 28.16 -5.84
CA THR A 491 -13.86 27.98 -5.22
C THR A 491 -13.20 29.34 -4.99
N TYR A 492 -13.09 30.12 -6.07
CA TYR A 492 -12.48 31.45 -6.00
C TYR A 492 -13.11 32.28 -4.88
N GLU A 493 -14.44 32.31 -4.86
CA GLU A 493 -15.15 33.08 -3.85
C GLU A 493 -14.95 32.58 -2.43
N ALA A 494 -14.85 31.26 -2.25
CA ALA A 494 -14.63 30.72 -0.92
C ALA A 494 -13.29 31.22 -0.40
N VAL A 495 -12.33 31.37 -1.32
CA VAL A 495 -11.00 31.85 -0.93
C VAL A 495 -10.99 33.33 -0.57
N ARG A 496 -11.60 34.16 -1.41
CA ARG A 496 -11.66 35.61 -1.17
C ARG A 496 -12.44 35.91 0.11
N ARG A 497 -13.40 35.05 0.41
CA ARG A 497 -14.21 35.23 1.61
C ARG A 497 -13.33 35.13 2.85
N LEU A 498 -12.26 34.34 2.74
CA LEU A 498 -11.32 34.15 3.84
C LEU A 498 -10.14 35.11 3.75
N VAL A 499 -9.65 35.30 2.53
CA VAL A 499 -8.47 36.15 2.33
C VAL A 499 -8.59 37.04 1.08
N PRO A 500 -8.27 38.32 1.23
CA PRO A 500 -8.36 39.24 0.08
C PRO A 500 -7.18 39.12 -0.88
N THR A 501 -7.37 39.66 -2.08
CA THR A 501 -6.36 39.67 -3.12
C THR A 501 -5.07 40.21 -2.54
N LEU A 502 -3.96 39.89 -3.18
CA LEU A 502 -2.69 40.39 -2.70
C LEU A 502 -2.23 41.58 -3.53
N GLY A 503 -2.54 42.79 -3.08
CA GLY A 503 -2.11 43.98 -3.79
C GLY A 503 -0.61 44.04 -3.52
N VAL A 504 -0.22 44.74 -2.46
CA VAL A 504 1.20 44.83 -2.12
C VAL A 504 1.55 43.75 -1.11
N ASP A 505 2.85 43.59 -0.85
CA ASP A 505 3.31 42.58 0.09
C ASP A 505 2.77 42.77 1.50
N ARG A 506 2.54 41.66 2.19
CA ARG A 506 2.04 41.70 3.55
C ARG A 506 2.30 40.38 4.25
N TYR A 507 2.22 40.40 5.58
CA TYR A 507 2.42 39.23 6.42
C TYR A 507 1.55 38.12 5.81
N MET A 508 2.17 37.03 5.37
CA MET A 508 1.44 35.94 4.73
C MET A 508 0.98 34.80 5.64
N ALA A 509 1.65 34.62 6.77
CA ALA A 509 1.34 33.53 7.70
C ALA A 509 -0.12 33.34 8.10
N ASP A 510 -0.76 34.37 8.63
CA ASP A 510 -2.15 34.24 9.05
C ASP A 510 -3.07 33.84 7.90
N ASP A 511 -2.84 34.40 6.72
CA ASP A 511 -3.66 34.05 5.57
C ASP A 511 -3.57 32.56 5.24
N ILE A 512 -2.34 32.03 5.28
CA ILE A 512 -2.11 30.62 4.97
C ILE A 512 -2.71 29.68 6.01
N GLU A 513 -2.52 29.99 7.30
CA GLU A 513 -3.07 29.17 8.37
C GLU A 513 -4.60 29.29 8.35
N LEU A 514 -5.09 30.40 7.82
CA LEU A 514 -6.52 30.64 7.74
C LEU A 514 -7.14 29.72 6.68
N VAL A 515 -6.46 29.59 5.54
CA VAL A 515 -6.95 28.75 4.45
C VAL A 515 -6.66 27.27 4.74
N ALA A 516 -5.67 27.02 5.59
CA ALA A 516 -5.29 25.66 5.96
C ALA A 516 -6.33 25.04 6.88
N ASP A 517 -6.81 25.83 7.84
CA ASP A 517 -7.81 25.35 8.78
C ASP A 517 -9.13 25.10 8.05
N ALA A 518 -9.43 25.96 7.09
CA ALA A 518 -10.65 25.83 6.31
C ALA A 518 -10.64 24.49 5.56
N LEU A 519 -9.48 24.14 5.01
CA LEU A 519 -9.34 22.89 4.28
C LEU A 519 -9.49 21.69 5.20
N SER A 520 -8.98 21.80 6.42
CA SER A 520 -9.09 20.69 7.36
C SER A 520 -10.54 20.50 7.80
N ARG A 521 -11.37 21.50 7.56
CA ARG A 521 -12.78 21.42 7.94
C ARG A 521 -13.65 21.11 6.72
N GLY A 522 -13.01 20.88 5.58
CA GLY A 522 -13.72 20.56 4.36
C GLY A 522 -14.56 21.69 3.82
N GLU A 523 -14.17 22.92 4.09
CA GLU A 523 -14.93 24.07 3.64
C GLU A 523 -14.89 24.32 2.13
N PHE A 524 -13.91 23.73 1.43
CA PHE A 524 -13.84 23.94 -0.01
C PHE A 524 -14.68 22.91 -0.75
N LEU A 525 -14.84 21.75 -0.11
CA LEU A 525 -15.67 20.69 -0.66
C LEU A 525 -17.09 21.17 -0.43
N ARG A 526 -17.28 21.81 0.72
CA ARG A 526 -18.57 22.36 1.12
C ARG A 526 -19.04 23.37 0.06
N ALA A 527 -18.21 24.37 -0.21
CA ALA A 527 -18.54 25.40 -1.20
C ALA A 527 -19.06 24.82 -2.51
N ILE A 528 -18.37 23.82 -3.05
CA ILE A 528 -18.84 23.23 -4.29
C ILE A 528 -20.24 22.64 -4.07
N ALA A 529 -20.42 21.95 -2.95
CA ALA A 529 -21.71 21.34 -2.63
C ALA A 529 -22.86 22.36 -2.61
N ARG A 530 -22.68 23.45 -1.86
CA ARG A 530 -23.69 24.50 -1.71
C ARG A 530 -23.94 25.30 -2.98
N GLU A 531 -22.87 25.80 -3.59
CA GLU A 531 -22.98 26.63 -4.79
C GLU A 531 -23.18 25.94 -6.14
N THR A 532 -23.15 24.61 -6.16
CA THR A 532 -23.35 23.89 -7.42
C THR A 532 -24.07 22.59 -7.10
N ASP A 533 -24.34 21.80 -8.13
CA ASP A 533 -25.00 20.52 -7.89
C ASP A 533 -24.06 19.37 -8.17
N ILE A 534 -22.77 19.69 -8.33
CA ILE A 534 -21.75 18.67 -8.58
C ILE A 534 -21.60 17.83 -7.33
N GLN A 535 -21.62 16.51 -7.51
CA GLN A 535 -21.44 15.59 -6.38
C GLN A 535 -20.17 14.80 -6.67
N LEU A 536 -19.03 15.36 -6.28
CA LEU A 536 -17.73 14.77 -6.50
C LEU A 536 -17.58 13.35 -5.95
N ARG A 537 -16.76 12.56 -6.63
CA ARG A 537 -16.47 11.21 -6.19
C ARG A 537 -15.33 11.32 -5.17
N VAL B 11 -1.14 -23.62 -25.17
CA VAL B 11 0.19 -23.22 -24.61
C VAL B 11 0.62 -21.78 -25.01
N PRO B 12 0.06 -21.25 -26.12
CA PRO B 12 0.46 -19.89 -26.49
C PRO B 12 -0.31 -18.84 -25.68
N VAL B 13 0.43 -17.92 -25.06
CA VAL B 13 -0.21 -16.87 -24.28
C VAL B 13 -0.74 -15.85 -25.28
N SER B 14 -2.00 -15.48 -25.12
CA SER B 14 -2.62 -14.52 -26.02
C SER B 14 -2.38 -13.10 -25.56
N VAL B 15 -1.55 -12.38 -26.31
CA VAL B 15 -1.25 -10.99 -25.98
C VAL B 15 -2.22 -10.13 -26.77
N ASP B 16 -3.40 -9.90 -26.19
CA ASP B 16 -4.44 -9.12 -26.84
C ASP B 16 -4.67 -7.75 -26.22
N GLY B 17 -3.83 -7.36 -25.28
CA GLY B 17 -4.00 -6.07 -24.64
C GLY B 17 -5.29 -5.98 -23.85
N GLU B 18 -5.89 -7.13 -23.55
CA GLU B 18 -7.16 -7.15 -22.82
C GLU B 18 -7.26 -8.21 -21.72
N THR B 19 -6.65 -9.38 -21.94
CA THR B 19 -6.78 -10.46 -20.95
C THR B 19 -5.49 -11.02 -20.37
N LEU B 20 -4.37 -10.34 -20.58
CA LEU B 20 -3.11 -10.81 -20.07
C LEU B 20 -3.08 -10.77 -18.54
N THR B 21 -2.54 -11.83 -17.95
CA THR B 21 -2.45 -11.90 -16.50
C THR B 21 -1.01 -11.92 -16.04
N VAL B 22 -0.80 -11.66 -14.75
CA VAL B 22 0.53 -11.66 -14.20
C VAL B 22 1.15 -13.04 -14.39
N GLU B 23 0.38 -14.09 -14.12
CA GLU B 23 0.88 -15.45 -14.26
C GLU B 23 1.23 -15.72 -15.72
N ALA B 24 0.40 -15.23 -16.63
CA ALA B 24 0.66 -15.43 -18.05
C ALA B 24 1.99 -14.79 -18.38
N VAL B 25 2.20 -13.57 -17.88
CA VAL B 25 3.46 -12.86 -18.13
C VAL B 25 4.64 -13.70 -17.64
N ARG B 26 4.52 -14.28 -16.45
CA ARG B 26 5.60 -15.11 -15.89
C ARG B 26 5.86 -16.34 -16.77
N ARG B 27 4.80 -16.92 -17.31
CA ARG B 27 4.97 -18.08 -18.20
C ARG B 27 5.86 -17.68 -19.39
N VAL B 28 5.54 -16.54 -20.00
CA VAL B 28 6.31 -16.05 -21.14
C VAL B 28 7.76 -15.72 -20.75
N ALA B 29 7.91 -15.04 -19.63
CA ALA B 29 9.23 -14.61 -19.15
C ALA B 29 10.11 -15.74 -18.57
N GLU B 30 9.53 -16.57 -17.71
CA GLU B 30 10.26 -17.65 -17.05
C GLU B 30 10.32 -18.97 -17.81
N GLU B 31 9.19 -19.40 -18.37
CA GLU B 31 9.11 -20.67 -19.09
C GLU B 31 9.13 -20.51 -20.62
N ARG B 32 9.39 -19.30 -21.08
CA ARG B 32 9.44 -19.02 -22.51
C ARG B 32 8.22 -19.49 -23.28
N ALA B 33 7.05 -19.35 -22.68
CA ALA B 33 5.82 -19.74 -23.35
C ALA B 33 5.75 -18.88 -24.61
N THR B 34 5.12 -19.42 -25.64
CA THR B 34 4.99 -18.71 -26.90
C THR B 34 3.87 -17.67 -26.85
N VAL B 35 4.08 -16.52 -27.48
CA VAL B 35 3.07 -15.48 -27.49
C VAL B 35 2.43 -15.42 -28.86
N ASP B 36 1.19 -14.96 -28.89
CA ASP B 36 0.44 -14.85 -30.12
C ASP B 36 -0.47 -13.63 -30.10
N VAL B 37 -0.28 -12.73 -31.06
CA VAL B 37 -1.13 -11.56 -31.15
C VAL B 37 -2.31 -12.02 -31.99
N PRO B 38 -3.51 -12.12 -31.39
CA PRO B 38 -4.69 -12.58 -32.13
C PRO B 38 -5.03 -11.69 -33.33
N ALA B 39 -5.58 -12.32 -34.38
CA ALA B 39 -5.95 -11.65 -35.61
C ALA B 39 -6.83 -10.42 -35.39
N GLU B 40 -7.73 -10.49 -34.42
CA GLU B 40 -8.60 -9.34 -34.15
C GLU B 40 -7.74 -8.16 -33.73
N SER B 41 -6.72 -8.42 -32.91
CA SER B 41 -5.84 -7.35 -32.45
C SER B 41 -5.07 -6.77 -33.63
N ILE B 42 -4.56 -7.65 -34.49
CA ILE B 42 -3.84 -7.19 -35.67
C ILE B 42 -4.77 -6.30 -36.48
N ALA B 43 -5.99 -6.78 -36.69
CA ALA B 43 -6.98 -6.06 -37.46
C ALA B 43 -7.20 -4.65 -36.91
N LYS B 44 -7.44 -4.55 -35.61
CA LYS B 44 -7.66 -3.26 -34.98
C LYS B 44 -6.44 -2.37 -35.18
N ALA B 45 -5.27 -2.93 -34.93
CA ALA B 45 -4.03 -2.18 -35.10
C ALA B 45 -3.96 -1.69 -36.55
N GLN B 46 -4.27 -2.58 -37.48
CA GLN B 46 -4.23 -2.27 -38.90
C GLN B 46 -5.10 -1.07 -39.30
N LYS B 47 -6.35 -1.09 -38.90
CA LYS B 47 -7.28 -0.01 -39.22
C LYS B 47 -6.88 1.29 -38.51
N SER B 48 -6.64 1.18 -37.20
CA SER B 48 -6.25 2.34 -36.41
C SER B 48 -5.02 3.01 -37.01
N ARG B 49 -4.13 2.20 -37.57
CA ARG B 49 -2.92 2.75 -38.17
C ARG B 49 -3.24 3.55 -39.42
N GLU B 50 -3.91 2.92 -40.39
CA GLU B 50 -4.23 3.62 -41.64
C GLU B 50 -4.92 4.95 -41.38
N ILE B 51 -5.86 4.96 -40.45
CA ILE B 51 -6.56 6.20 -40.14
C ILE B 51 -5.58 7.21 -39.55
N PHE B 52 -4.73 6.76 -38.63
CA PHE B 52 -3.76 7.66 -38.02
C PHE B 52 -2.82 8.24 -39.07
N GLU B 53 -2.32 7.39 -39.95
CA GLU B 53 -1.41 7.83 -41.00
C GLU B 53 -2.02 8.94 -41.85
N GLY B 54 -3.32 8.84 -42.11
CA GLY B 54 -3.98 9.87 -42.90
C GLY B 54 -3.93 11.20 -42.18
N ILE B 55 -4.08 11.17 -40.86
CA ILE B 55 -4.05 12.40 -40.07
C ILE B 55 -2.63 12.97 -40.12
N ALA B 56 -1.64 12.11 -39.86
CA ALA B 56 -0.25 12.53 -39.86
C ALA B 56 0.17 13.10 -41.22
N GLU B 57 -0.19 12.41 -42.30
CA GLU B 57 0.15 12.85 -43.65
C GLU B 57 -0.36 14.24 -43.98
N GLN B 58 -1.07 14.85 -43.04
CA GLN B 58 -1.60 16.20 -43.23
C GLN B 58 -0.74 17.24 -42.54
N ASN B 59 0.30 16.79 -41.84
CA ASN B 59 1.22 17.67 -41.13
C ASN B 59 0.61 18.51 -40.01
N ILE B 60 -0.54 18.09 -39.49
CA ILE B 60 -1.14 18.86 -38.40
C ILE B 60 -0.41 18.48 -37.12
N PRO B 61 -0.34 19.41 -36.16
CA PRO B 61 0.35 19.13 -34.90
C PRO B 61 -0.15 17.91 -34.13
N ILE B 62 0.79 17.02 -33.79
CA ILE B 62 0.52 15.80 -33.03
C ILE B 62 1.77 15.53 -32.20
N PHE B 63 1.67 15.66 -30.88
CA PHE B 63 2.82 15.44 -30.00
C PHE B 63 3.67 14.20 -30.30
N GLY B 64 4.98 14.40 -30.37
CA GLY B 64 5.90 13.30 -30.62
C GLY B 64 5.87 12.72 -32.01
N VAL B 65 4.99 13.24 -32.87
CA VAL B 65 4.90 12.76 -34.23
C VAL B 65 5.29 13.87 -35.20
N THR B 66 4.82 15.07 -34.90
CA THR B 66 5.14 16.22 -35.74
C THR B 66 5.71 17.38 -34.92
N THR B 67 6.04 17.09 -33.66
CA THR B 67 6.64 18.07 -32.75
C THR B 67 7.82 17.46 -32.01
N GLY B 68 8.51 18.27 -31.22
CA GLY B 68 9.65 17.77 -30.47
C GLY B 68 9.13 16.98 -29.27
N TYR B 69 10.03 16.34 -28.53
CA TYR B 69 9.62 15.56 -27.37
C TYR B 69 9.75 16.29 -26.05
N GLY B 70 8.95 15.87 -25.07
CA GLY B 70 8.98 16.50 -23.76
C GLY B 70 8.77 18.01 -23.81
N GLU B 71 9.67 18.73 -23.15
CA GLU B 71 9.61 20.19 -23.11
C GLU B 71 9.71 20.85 -24.48
N MET B 72 10.40 20.20 -25.41
CA MET B 72 10.57 20.75 -26.74
C MET B 72 9.39 20.45 -27.65
N ILE B 73 8.20 20.38 -27.06
CA ILE B 73 6.97 20.13 -27.81
C ILE B 73 6.62 21.40 -28.58
N TYR B 74 7.26 22.51 -28.20
CA TYR B 74 7.03 23.76 -28.91
C TYR B 74 7.69 23.73 -30.29
N MET B 75 8.64 22.82 -30.47
CA MET B 75 9.32 22.68 -31.76
C MET B 75 8.43 21.91 -32.71
N GLN B 76 8.06 22.52 -33.83
CA GLN B 76 7.21 21.86 -34.81
C GLN B 76 8.09 21.21 -35.87
N VAL B 77 7.81 19.95 -36.18
CA VAL B 77 8.59 19.21 -37.16
C VAL B 77 7.73 18.75 -38.33
N ASP B 78 8.17 19.08 -39.54
CA ASP B 78 7.43 18.69 -40.75
C ASP B 78 7.41 17.18 -40.84
N LYS B 79 6.47 16.62 -41.61
CA LYS B 79 6.36 15.17 -41.75
C LYS B 79 7.46 14.58 -42.63
N SER B 80 8.23 15.44 -43.30
CA SER B 80 9.31 14.95 -44.15
C SER B 80 10.45 14.37 -43.30
N LYS B 81 10.33 14.52 -41.98
CA LYS B 81 11.34 14.01 -41.06
C LYS B 81 10.82 12.86 -40.19
N GLU B 82 9.79 12.18 -40.70
CA GLU B 82 9.14 11.07 -40.02
C GLU B 82 10.07 10.07 -39.31
N VAL B 83 10.89 9.38 -40.08
CA VAL B 83 11.79 8.38 -39.53
C VAL B 83 12.90 8.95 -38.68
N GLU B 84 13.38 10.13 -39.05
CA GLU B 84 14.46 10.77 -38.33
C GLU B 84 14.02 11.15 -36.92
N LEU B 85 12.83 11.75 -36.81
CA LEU B 85 12.31 12.18 -35.52
C LEU B 85 12.26 11.01 -34.55
N GLN B 86 11.64 9.91 -34.98
CA GLN B 86 11.50 8.72 -34.17
C GLN B 86 12.84 8.08 -33.84
N THR B 87 13.70 7.97 -34.85
CA THR B 87 15.01 7.35 -34.66
C THR B 87 15.88 8.14 -33.67
N ASN B 88 15.91 9.46 -33.83
CA ASN B 88 16.71 10.31 -32.93
C ASN B 88 16.23 10.17 -31.48
N LEU B 89 14.93 9.98 -31.30
CA LEU B 89 14.36 9.83 -29.96
C LEU B 89 14.88 8.57 -29.28
N VAL B 90 14.74 7.44 -29.97
CA VAL B 90 15.19 6.15 -29.47
C VAL B 90 16.67 6.17 -29.11
N ARG B 91 17.50 6.75 -29.97
CA ARG B 91 18.93 6.78 -29.71
C ARG B 91 19.29 7.70 -28.55
N SER B 92 18.89 8.97 -28.65
CA SER B 92 19.20 9.94 -27.61
C SER B 92 18.60 9.59 -26.26
N HIS B 93 17.62 8.68 -26.24
CA HIS B 93 17.04 8.30 -24.96
C HIS B 93 17.56 6.96 -24.45
N SER B 94 18.42 6.33 -25.23
CA SER B 94 19.01 5.07 -24.79
C SER B 94 20.20 5.50 -23.96
N ALA B 95 19.92 5.94 -22.73
CA ALA B 95 20.96 6.42 -21.83
C ALA B 95 20.91 5.68 -20.50
N GLY B 96 20.52 4.42 -20.55
CA GLY B 96 20.43 3.66 -19.33
C GLY B 96 21.78 3.32 -18.76
N VAL B 97 21.86 3.13 -17.46
CA VAL B 97 23.14 2.79 -16.83
C VAL B 97 22.95 1.66 -15.81
N GLY B 98 24.05 1.22 -15.19
CA GLY B 98 23.97 0.17 -14.19
C GLY B 98 23.94 -1.24 -14.75
N PRO B 99 23.55 -2.23 -13.94
CA PRO B 99 23.52 -3.61 -14.44
C PRO B 99 22.36 -3.85 -15.41
N LEU B 100 22.52 -4.87 -16.24
CA LEU B 100 21.50 -5.24 -17.22
C LEU B 100 20.49 -6.15 -16.52
N PHE B 101 19.24 -6.08 -16.95
CA PHE B 101 18.22 -6.94 -16.37
C PHE B 101 18.48 -8.37 -16.85
N ALA B 102 18.00 -9.35 -16.10
CA ALA B 102 18.19 -10.75 -16.48
C ALA B 102 17.27 -11.10 -17.64
N GLU B 103 17.54 -12.23 -18.28
CA GLU B 103 16.73 -12.67 -19.41
C GLU B 103 15.23 -12.65 -19.11
N ASP B 104 14.82 -13.30 -18.03
CA ASP B 104 13.41 -13.33 -17.69
C ASP B 104 12.84 -11.94 -17.41
N GLU B 105 13.62 -11.07 -16.77
CA GLU B 105 13.16 -9.71 -16.49
C GLU B 105 13.01 -8.93 -17.82
N ALA B 106 14.01 -9.05 -18.69
CA ALA B 106 13.95 -8.36 -19.97
C ALA B 106 12.73 -8.86 -20.76
N ARG B 107 12.48 -10.16 -20.73
CA ARG B 107 11.34 -10.71 -21.46
C ARG B 107 10.00 -10.19 -20.93
N ALA B 108 9.86 -10.12 -19.60
CA ALA B 108 8.60 -9.63 -19.03
C ALA B 108 8.33 -8.19 -19.50
N ILE B 109 9.36 -7.36 -19.54
CA ILE B 109 9.22 -5.98 -19.96
C ILE B 109 8.75 -5.93 -21.42
N VAL B 110 9.41 -6.69 -22.28
CA VAL B 110 9.07 -6.73 -23.68
C VAL B 110 7.64 -7.20 -23.84
N ALA B 111 7.25 -8.21 -23.05
CA ALA B 111 5.91 -8.75 -23.08
C ALA B 111 4.86 -7.71 -22.70
N ALA B 112 5.13 -6.94 -21.65
CA ALA B 112 4.21 -5.93 -21.21
C ALA B 112 4.07 -4.84 -22.27
N ARG B 113 5.16 -4.52 -22.96
CA ARG B 113 5.10 -3.49 -23.99
C ARG B 113 4.24 -3.98 -25.14
N LEU B 114 4.49 -5.20 -25.58
CA LEU B 114 3.72 -5.78 -26.68
C LEU B 114 2.23 -5.75 -26.37
N ASN B 115 1.87 -6.14 -25.16
CA ASN B 115 0.46 -6.16 -24.78
C ASN B 115 -0.15 -4.76 -24.82
N THR B 116 0.63 -3.76 -24.43
CA THR B 116 0.15 -2.39 -24.44
C THR B 116 -0.21 -1.96 -25.87
N LEU B 117 0.72 -2.15 -26.78
CA LEU B 117 0.53 -1.79 -28.17
C LEU B 117 -0.62 -2.58 -28.81
N ALA B 118 -0.74 -3.85 -28.43
CA ALA B 118 -1.78 -4.72 -28.97
C ALA B 118 -3.19 -4.27 -28.60
N LYS B 119 -3.33 -3.42 -27.58
CA LYS B 119 -4.66 -2.99 -27.19
C LYS B 119 -5.34 -2.24 -28.34
N GLY B 120 -4.54 -1.66 -29.24
CA GLY B 120 -5.10 -0.97 -30.39
C GLY B 120 -5.26 0.54 -30.33
N HIS B 121 -4.64 1.19 -29.36
CA HIS B 121 -4.77 2.65 -29.26
C HIS B 121 -3.42 3.34 -29.42
N SER B 122 -2.42 2.60 -29.85
CA SER B 122 -1.09 3.18 -30.01
C SER B 122 -0.79 3.59 -31.45
N ALA B 123 -1.71 3.25 -32.35
CA ALA B 123 -1.55 3.60 -33.76
C ALA B 123 -0.22 3.17 -34.35
N VAL B 124 0.27 2.02 -33.92
CA VAL B 124 1.54 1.49 -34.43
C VAL B 124 1.23 0.51 -35.56
N ARG B 125 2.16 0.33 -36.49
CA ARG B 125 1.97 -0.62 -37.58
C ARG B 125 1.99 -2.01 -36.99
N PRO B 126 1.22 -2.94 -37.56
CA PRO B 126 1.16 -4.32 -37.05
C PRO B 126 2.55 -4.95 -37.00
N ILE B 127 3.39 -4.61 -37.98
CA ILE B 127 4.74 -5.14 -38.05
C ILE B 127 5.45 -5.01 -36.71
N ILE B 128 5.23 -3.88 -36.05
CA ILE B 128 5.86 -3.63 -34.75
C ILE B 128 5.41 -4.69 -33.75
N LEU B 129 4.12 -4.98 -33.72
CA LEU B 129 3.60 -5.99 -32.80
C LEU B 129 4.19 -7.35 -33.17
N GLU B 130 4.29 -7.59 -34.47
CA GLU B 130 4.85 -8.86 -34.98
C GLU B 130 6.32 -9.04 -34.62
N ARG B 131 7.13 -8.01 -34.89
CA ARG B 131 8.55 -8.10 -34.57
C ARG B 131 8.79 -8.34 -33.09
N LEU B 132 7.99 -7.68 -32.26
CA LEU B 132 8.09 -7.81 -30.82
C LEU B 132 7.85 -9.28 -30.44
N ALA B 133 6.72 -9.82 -30.88
CA ALA B 133 6.38 -11.20 -30.59
C ALA B 133 7.47 -12.14 -31.11
N GLN B 134 8.00 -11.83 -32.30
CA GLN B 134 9.04 -12.66 -32.89
C GLN B 134 10.25 -12.70 -31.98
N TYR B 135 10.58 -11.56 -31.37
CA TYR B 135 11.72 -11.51 -30.48
C TYR B 135 11.48 -12.41 -29.27
N LEU B 136 10.27 -12.37 -28.72
CA LEU B 136 9.93 -13.21 -27.58
C LEU B 136 9.95 -14.68 -27.96
N ASN B 137 9.25 -15.02 -29.02
CA ASN B 137 9.17 -16.41 -29.49
C ASN B 137 10.48 -16.99 -30.00
N GLU B 138 11.41 -16.14 -30.42
CA GLU B 138 12.69 -16.63 -30.94
C GLU B 138 13.89 -16.46 -30.03
N GLY B 139 13.68 -15.90 -28.84
CA GLY B 139 14.77 -15.76 -27.90
C GLY B 139 15.72 -14.59 -28.07
N ILE B 140 15.29 -13.56 -28.78
CA ILE B 140 16.14 -12.37 -28.95
C ILE B 140 15.79 -11.46 -27.76
N THR B 141 16.65 -11.48 -26.76
CA THR B 141 16.44 -10.69 -25.55
C THR B 141 17.25 -9.42 -25.50
N PRO B 142 16.58 -8.27 -25.39
CA PRO B 142 17.29 -6.98 -25.33
C PRO B 142 18.16 -6.84 -24.07
N ALA B 143 19.29 -6.17 -24.20
CA ALA B 143 20.16 -5.91 -23.07
C ALA B 143 19.58 -4.63 -22.50
N ILE B 144 18.89 -4.73 -21.37
CA ILE B 144 18.25 -3.57 -20.74
C ILE B 144 18.88 -3.13 -19.42
N PRO B 145 19.53 -1.97 -19.40
CA PRO B 145 20.14 -1.50 -18.16
C PRO B 145 19.02 -1.13 -17.16
N GLU B 146 19.21 -1.50 -15.90
CA GLU B 146 18.20 -1.25 -14.87
C GLU B 146 17.88 0.20 -14.49
N ILE B 147 18.88 1.07 -14.59
CA ILE B 147 18.73 2.46 -14.18
C ILE B 147 18.57 3.51 -15.29
N GLY B 148 17.74 4.51 -15.02
CA GLY B 148 17.52 5.57 -15.98
C GLY B 148 16.07 6.00 -16.07
N SER B 149 15.15 5.11 -15.75
CA SER B 149 13.75 5.41 -15.80
C SER B 149 13.27 6.32 -14.67
N LEU B 150 12.39 7.26 -14.99
CA LEU B 150 11.82 8.16 -14.00
C LEU B 150 10.39 7.69 -13.72
N GLY B 151 10.06 6.54 -14.29
CA GLY B 151 8.73 5.97 -14.10
C GLY B 151 7.63 6.87 -14.59
N ASP B 153 9.08 4.86 -18.26
CA ASP B 153 10.29 4.05 -18.31
C ASP B 153 11.05 4.28 -19.63
N LEU B 154 11.32 5.54 -19.95
CA LEU B 154 11.99 5.92 -21.19
C LEU B 154 13.31 5.23 -21.52
N ALA B 155 14.32 5.39 -20.66
CA ALA B 155 15.63 4.78 -20.93
C ALA B 155 15.58 3.27 -21.17
N PRO B 156 15.07 2.49 -20.20
CA PRO B 156 15.03 1.04 -20.42
C PRO B 156 14.29 0.66 -21.70
N LEU B 157 13.15 1.31 -21.94
CA LEU B 157 12.37 1.00 -23.14
C LEU B 157 13.07 1.45 -24.42
N SER B 158 13.88 2.51 -24.35
CA SER B 158 14.60 2.97 -25.53
C SER B 158 15.63 1.92 -25.91
N HIS B 159 16.24 1.29 -24.90
CA HIS B 159 17.21 0.24 -25.17
C HIS B 159 16.50 -0.90 -25.88
N VAL B 160 15.28 -1.19 -25.46
CA VAL B 160 14.51 -2.25 -26.13
C VAL B 160 14.22 -1.79 -27.55
N ALA B 161 13.71 -0.58 -27.68
CA ALA B 161 13.38 0.00 -28.99
C ALA B 161 14.59 -0.06 -29.91
N SER B 162 15.77 0.22 -29.38
CA SER B 162 16.98 0.18 -30.19
C SER B 162 17.19 -1.15 -30.90
N THR B 163 16.83 -2.26 -30.25
CA THR B 163 17.00 -3.58 -30.86
C THR B 163 16.06 -3.84 -32.03
N LEU B 164 14.91 -3.17 -32.06
CA LEU B 164 13.96 -3.38 -33.16
C LEU B 164 14.48 -2.76 -34.45
N ILE B 165 15.34 -1.74 -34.34
CA ILE B 165 15.90 -1.11 -35.54
C ILE B 165 17.34 -1.54 -35.74
N GLY B 166 17.71 -2.64 -35.08
CA GLY B 166 19.05 -3.19 -35.22
C GLY B 166 20.17 -2.37 -34.62
N GLU B 167 19.93 -1.76 -33.47
CA GLU B 167 20.92 -0.95 -32.79
C GLU B 167 20.96 -1.41 -31.33
N GLY B 168 21.74 -0.71 -30.51
CA GLY B 168 21.84 -1.08 -29.11
C GLY B 168 22.44 -2.46 -28.89
N TYR B 169 21.96 -3.16 -27.88
CA TYR B 169 22.48 -4.48 -27.58
C TYR B 169 21.43 -5.50 -27.21
N VAL B 170 21.78 -6.75 -27.46
CA VAL B 170 20.95 -7.89 -27.16
C VAL B 170 21.69 -8.70 -26.10
N LEU B 171 20.94 -9.30 -25.19
CA LEU B 171 21.52 -10.08 -24.12
C LEU B 171 21.81 -11.49 -24.60
N ARG B 172 23.00 -11.99 -24.29
CA ARG B 172 23.33 -13.35 -24.69
C ARG B 172 24.34 -13.78 -23.65
N ASP B 173 24.06 -14.92 -23.02
CA ASP B 173 24.88 -15.48 -21.97
C ASP B 173 25.33 -14.49 -20.90
N GLY B 174 24.41 -13.62 -20.49
CA GLY B 174 24.69 -12.64 -19.46
C GLY B 174 25.45 -11.42 -19.93
N ARG B 175 25.85 -11.39 -21.19
CA ARG B 175 26.59 -10.25 -21.71
C ARG B 175 25.93 -9.64 -22.93
N PRO B 176 26.18 -8.34 -23.17
CA PRO B 176 25.60 -7.63 -24.31
C PRO B 176 26.35 -7.86 -25.62
N VAL B 177 25.60 -8.14 -26.68
CA VAL B 177 26.18 -8.36 -28.00
C VAL B 177 25.49 -7.36 -28.92
N GLU B 178 26.26 -6.62 -29.71
CA GLU B 178 25.66 -5.65 -30.62
C GLU B 178 24.48 -6.30 -31.35
N THR B 179 23.36 -5.59 -31.38
CA THR B 179 22.15 -6.10 -32.01
C THR B 179 22.30 -6.39 -33.51
N ALA B 180 22.79 -5.41 -34.26
CA ALA B 180 22.95 -5.55 -35.71
C ALA B 180 23.50 -6.92 -36.09
N GLN B 181 24.44 -7.40 -35.29
CA GLN B 181 25.06 -8.69 -35.52
C GLN B 181 24.10 -9.84 -35.31
N VAL B 182 23.54 -9.94 -34.10
CA VAL B 182 22.60 -11.00 -33.76
C VAL B 182 21.50 -11.13 -34.81
N LEU B 183 21.05 -10.01 -35.35
CA LEU B 183 19.99 -10.03 -36.36
C LEU B 183 20.52 -10.50 -37.70
N ALA B 184 21.82 -10.31 -37.93
CA ALA B 184 22.45 -10.75 -39.17
C ALA B 184 22.58 -12.27 -39.09
N GLU B 185 22.87 -12.76 -37.89
CA GLU B 185 23.00 -14.20 -37.70
C GLU B 185 21.63 -14.86 -37.85
N ARG B 186 20.63 -14.33 -37.15
CA ARG B 186 19.29 -14.89 -37.20
C ARG B 186 18.62 -14.64 -38.56
N GLY B 187 19.26 -13.86 -39.41
CA GLY B 187 18.70 -13.57 -40.71
C GLY B 187 17.40 -12.78 -40.64
N ILE B 188 17.42 -11.71 -39.85
CA ILE B 188 16.27 -10.84 -39.66
C ILE B 188 16.65 -9.43 -40.08
N GLU B 189 15.81 -8.78 -40.87
CA GLU B 189 16.09 -7.42 -41.32
C GLU B 189 15.51 -6.44 -40.32
N PRO B 190 16.35 -5.54 -39.78
CA PRO B 190 15.89 -4.55 -38.80
C PRO B 190 14.75 -3.71 -39.32
N LEU B 191 13.92 -3.20 -38.41
CA LEU B 191 12.80 -2.38 -38.83
C LEU B 191 13.26 -0.94 -38.95
N GLU B 192 12.41 -0.13 -39.55
CA GLU B 192 12.66 1.30 -39.70
C GLU B 192 11.43 1.89 -39.02
N LEU B 193 11.63 2.84 -38.11
CA LEU B 193 10.51 3.44 -37.39
C LEU B 193 9.75 4.49 -38.17
N ARG B 194 8.44 4.35 -38.24
CA ARG B 194 7.60 5.30 -38.95
C ARG B 194 6.88 6.15 -37.89
N PHE B 195 6.00 7.04 -38.34
CA PHE B 195 5.26 7.91 -37.44
C PHE B 195 4.80 7.37 -36.09
N LYS B 196 5.28 7.98 -35.02
CA LYS B 196 4.87 7.64 -33.66
C LYS B 196 5.38 6.30 -33.13
N GLU B 197 6.01 5.49 -33.97
CA GLU B 197 6.48 4.18 -33.51
C GLU B 197 7.63 4.17 -32.51
N GLY B 198 8.47 5.20 -32.55
CA GLY B 198 9.56 5.24 -31.61
C GLY B 198 9.01 5.64 -30.24
N LEU B 199 8.16 6.65 -30.24
CA LEU B 199 7.57 7.14 -29.01
C LEU B 199 6.73 6.06 -28.30
N ALA B 200 5.89 5.36 -29.06
CA ALA B 200 5.02 4.33 -28.50
C ALA B 200 5.78 3.18 -27.86
N LEU B 201 6.93 2.85 -28.44
CA LEU B 201 7.75 1.77 -27.93
C LEU B 201 8.33 2.09 -26.56
N ILE B 202 8.63 3.36 -26.32
CA ILE B 202 9.24 3.75 -25.07
C ILE B 202 8.38 4.50 -24.06
N ASN B 203 7.32 5.16 -24.54
CA ASN B 203 6.47 5.98 -23.69
C ASN B 203 5.41 5.30 -22.83
N GLY B 204 5.85 4.33 -22.03
CA GLY B 204 4.92 3.60 -21.18
C GLY B 204 5.51 3.08 -19.87
N THR B 205 4.72 2.30 -19.15
CA THR B 205 5.16 1.77 -17.86
C THR B 205 5.61 0.32 -17.92
N SER B 206 5.92 -0.16 -19.12
CA SER B 206 6.33 -1.54 -19.30
C SER B 206 7.53 -1.97 -18.46
N GLY B 207 8.44 -1.05 -18.17
CA GLY B 207 9.58 -1.40 -17.35
C GLY B 207 9.13 -1.90 -15.99
N MET B 208 8.53 -1.01 -15.20
CA MET B 208 8.06 -1.37 -13.86
C MET B 208 6.94 -2.41 -13.88
N THR B 209 6.08 -2.36 -14.90
CA THR B 209 4.97 -3.30 -14.97
C THR B 209 5.40 -4.73 -15.34
N GLY B 210 6.47 -4.86 -16.12
CA GLY B 210 6.96 -6.19 -16.47
C GLY B 210 7.69 -6.80 -15.28
N LEU B 211 8.59 -6.02 -14.68
CA LEU B 211 9.34 -6.49 -13.52
C LEU B 211 8.40 -6.72 -12.35
N GLY B 212 7.50 -5.76 -12.14
CA GLY B 212 6.53 -5.85 -11.07
C GLY B 212 5.71 -7.11 -11.14
N SER B 213 5.38 -7.55 -12.35
CA SER B 213 4.59 -8.77 -12.51
C SER B 213 5.35 -9.98 -11.99
N LEU B 214 6.62 -10.10 -12.38
CA LEU B 214 7.47 -11.21 -11.92
C LEU B 214 7.59 -11.21 -10.41
N VAL B 215 7.87 -10.03 -9.85
CA VAL B 215 8.04 -9.88 -8.41
C VAL B 215 6.78 -10.27 -7.64
N VAL B 216 5.66 -9.65 -7.98
CA VAL B 216 4.40 -9.94 -7.30
C VAL B 216 4.01 -11.41 -7.43
N GLY B 217 4.28 -11.98 -8.61
CA GLY B 217 3.97 -13.39 -8.83
C GLY B 217 4.80 -14.22 -7.87
N ARG B 218 6.09 -13.90 -7.80
CA ARG B 218 7.00 -14.62 -6.92
C ARG B 218 6.72 -14.32 -5.45
N ALA B 219 6.28 -13.09 -5.16
CA ALA B 219 5.96 -12.71 -3.80
C ALA B 219 4.89 -13.64 -3.23
N LEU B 220 3.86 -13.92 -4.01
CA LEU B 220 2.79 -14.81 -3.57
C LEU B 220 3.36 -16.21 -3.30
N GLU B 221 4.21 -16.69 -4.20
CA GLU B 221 4.85 -17.99 -3.98
C GLU B 221 5.70 -17.94 -2.72
N GLN B 222 6.28 -16.77 -2.44
CA GLN B 222 7.10 -16.63 -1.25
C GLN B 222 6.22 -16.68 0.00
N ALA B 223 5.03 -16.12 -0.09
CA ALA B 223 4.12 -16.17 1.05
C ALA B 223 3.73 -17.63 1.28
N GLN B 224 3.54 -18.36 0.19
CA GLN B 224 3.18 -19.77 0.28
C GLN B 224 4.29 -20.56 0.97
N GLN B 225 5.52 -20.35 0.55
CA GLN B 225 6.63 -21.08 1.14
C GLN B 225 6.88 -20.66 2.58
N ALA B 226 6.47 -19.45 2.93
CA ALA B 226 6.60 -18.96 4.31
C ALA B 226 5.60 -19.78 5.13
N GLU B 227 4.39 -19.93 4.60
CA GLU B 227 3.35 -20.72 5.27
C GLU B 227 3.76 -22.19 5.36
N ILE B 228 4.44 -22.68 4.34
CA ILE B 228 4.89 -24.06 4.35
C ILE B 228 5.92 -24.30 5.44
N VAL B 229 6.95 -23.46 5.53
CA VAL B 229 7.93 -23.70 6.57
C VAL B 229 7.39 -23.39 7.96
N THR B 230 6.44 -22.46 8.07
CA THR B 230 5.89 -22.15 9.39
C THR B 230 5.11 -23.36 9.91
N ALA B 231 4.37 -24.00 9.01
CA ALA B 231 3.59 -25.18 9.36
C ALA B 231 4.55 -26.28 9.86
N LEU B 232 5.62 -26.54 9.11
CA LEU B 232 6.60 -27.54 9.51
C LEU B 232 7.13 -27.22 10.90
N LEU B 233 7.57 -25.97 11.10
CA LEU B 233 8.11 -25.53 12.39
C LEU B 233 7.11 -25.71 13.52
N ILE B 234 5.85 -25.35 13.28
CA ILE B 234 4.84 -25.50 14.31
C ILE B 234 4.70 -26.98 14.70
N GLU B 235 4.81 -27.87 13.71
CA GLU B 235 4.69 -29.29 13.99
C GLU B 235 5.93 -29.76 14.74
N ALA B 236 7.09 -29.24 14.37
CA ALA B 236 8.34 -29.63 15.03
C ALA B 236 8.39 -29.27 16.52
N VAL B 237 7.70 -28.21 16.92
CA VAL B 237 7.71 -27.81 18.32
C VAL B 237 6.40 -28.12 19.02
N ARG B 238 5.52 -28.83 18.34
CA ARG B 238 4.22 -29.21 18.90
C ARG B 238 3.34 -28.03 19.30
N GLY B 239 3.32 -26.98 18.48
CA GLY B 239 2.50 -25.83 18.81
C GLY B 239 1.00 -26.10 18.71
N SER B 240 0.19 -25.16 19.17
CA SER B 240 -1.27 -25.28 19.12
C SER B 240 -1.80 -24.97 17.72
N THR B 241 -2.95 -25.52 17.39
CA THR B 241 -3.56 -25.27 16.07
C THR B 241 -4.74 -24.33 16.21
N SER B 242 -5.06 -23.97 17.45
CA SER B 242 -6.19 -23.09 17.72
C SER B 242 -6.21 -21.74 17.01
N PRO B 243 -5.05 -21.06 16.89
CA PRO B 243 -5.10 -19.77 16.21
C PRO B 243 -5.45 -19.82 14.72
N PHE B 244 -5.54 -21.04 14.19
CA PHE B 244 -5.85 -21.21 12.77
C PHE B 244 -7.29 -21.61 12.50
N LEU B 245 -8.07 -21.79 13.58
CA LEU B 245 -9.48 -22.15 13.47
C LEU B 245 -10.23 -21.12 12.61
N ALA B 246 -11.02 -21.63 11.69
CA ALA B 246 -11.80 -20.81 10.76
C ALA B 246 -12.64 -19.72 11.39
N GLU B 247 -13.26 -20.02 12.52
CA GLU B 247 -14.12 -19.02 13.17
C GLU B 247 -13.38 -17.76 13.58
N GLY B 248 -12.07 -17.86 13.78
CA GLY B 248 -11.30 -16.70 14.18
C GLY B 248 -11.01 -15.74 13.04
N HIS B 249 -11.27 -16.18 11.81
CA HIS B 249 -10.99 -15.35 10.65
C HIS B 249 -12.20 -15.16 9.77
N ASP B 250 -12.71 -16.27 9.23
CA ASP B 250 -13.87 -16.28 8.35
C ASP B 250 -15.03 -15.52 8.99
N ILE B 251 -15.19 -15.67 10.30
CA ILE B 251 -16.26 -14.99 11.02
C ILE B 251 -15.91 -13.79 11.90
N ALA B 252 -14.82 -13.88 12.65
CA ALA B 252 -14.46 -12.81 13.57
C ALA B 252 -13.70 -11.70 12.83
N ARG B 253 -12.77 -12.08 11.97
CA ARG B 253 -11.95 -11.10 11.25
C ARG B 253 -11.81 -11.40 9.75
N PRO B 254 -12.83 -11.09 8.96
CA PRO B 254 -12.78 -11.44 7.54
C PRO B 254 -11.90 -10.71 6.51
N HIS B 255 -10.60 -10.56 6.78
CA HIS B 255 -9.72 -9.96 5.78
C HIS B 255 -9.44 -11.15 4.88
N GLU B 256 -9.56 -10.97 3.57
CA GLU B 256 -9.34 -12.09 2.65
C GLU B 256 -8.01 -12.79 2.85
N GLY B 257 -6.93 -12.02 2.83
CA GLY B 257 -5.62 -12.62 3.00
C GLY B 257 -5.49 -13.45 4.27
N GLN B 258 -6.08 -12.95 5.35
CA GLN B 258 -6.00 -13.64 6.64
C GLN B 258 -6.73 -14.97 6.59
N ILE B 259 -7.87 -14.98 5.90
CA ILE B 259 -8.67 -16.18 5.74
C ILE B 259 -7.85 -17.20 4.95
N ASP B 260 -7.20 -16.74 3.91
CA ASP B 260 -6.39 -17.60 3.06
C ASP B 260 -5.25 -18.28 3.81
N THR B 261 -4.46 -17.49 4.53
CA THR B 261 -3.35 -18.04 5.28
C THR B 261 -3.82 -19.05 6.34
N ALA B 262 -4.86 -18.70 7.09
CA ALA B 262 -5.39 -19.61 8.10
C ALA B 262 -5.75 -20.93 7.43
N ALA B 263 -6.51 -20.86 6.34
CA ALA B 263 -6.92 -22.05 5.60
C ALA B 263 -5.70 -22.82 5.10
N ASN B 264 -4.71 -22.12 4.53
CA ASN B 264 -3.52 -22.82 4.06
C ASN B 264 -2.82 -23.55 5.21
N MET B 265 -2.75 -22.88 6.36
CA MET B 265 -2.10 -23.47 7.53
C MET B 265 -2.84 -24.74 7.98
N ARG B 266 -4.17 -24.68 7.97
CA ARG B 266 -4.98 -25.83 8.37
C ARG B 266 -4.72 -27.01 7.44
N ALA B 267 -4.64 -26.73 6.15
CA ALA B 267 -4.39 -27.78 5.18
C ALA B 267 -2.99 -28.36 5.30
N LEU B 268 -2.01 -27.52 5.62
CA LEU B 268 -0.64 -27.99 5.75
C LEU B 268 -0.38 -28.85 6.97
N MET B 269 -1.11 -28.61 8.04
CA MET B 269 -0.91 -29.37 9.26
C MET B 269 -1.91 -30.50 9.44
N ARG B 270 -2.79 -30.65 8.46
CA ARG B 270 -3.79 -31.70 8.48
C ARG B 270 -3.13 -33.07 8.58
N GLY B 271 -3.55 -33.86 9.57
CA GLY B 271 -3.00 -35.19 9.77
C GLY B 271 -1.74 -35.24 10.61
N SER B 272 -1.47 -34.17 11.34
CA SER B 272 -0.28 -34.13 12.18
C SER B 272 -0.50 -34.87 13.50
N GLY B 273 0.53 -35.58 13.95
CA GLY B 273 0.44 -36.29 15.21
C GLY B 273 1.25 -35.54 16.25
N LEU B 274 1.83 -34.42 15.84
CA LEU B 274 2.66 -33.62 16.75
C LEU B 274 1.99 -32.35 17.26
N THR B 275 0.94 -31.91 16.59
CA THR B 275 0.27 -30.68 17.00
C THR B 275 -0.78 -30.91 18.07
N VAL B 276 -1.00 -29.87 18.86
CA VAL B 276 -1.96 -29.94 19.95
C VAL B 276 -3.07 -28.91 19.75
N GLU B 277 -4.07 -28.95 20.62
CA GLU B 277 -5.19 -28.02 20.55
C GLU B 277 -5.29 -27.27 21.87
N HIS B 278 -5.93 -26.10 21.85
CA HIS B 278 -6.09 -25.30 23.06
C HIS B 278 -6.67 -26.17 24.17
N ALA B 279 -7.52 -27.11 23.78
CA ALA B 279 -8.17 -28.01 24.73
C ALA B 279 -7.17 -28.92 25.45
N ASP B 280 -6.15 -29.37 24.73
CA ASP B 280 -5.14 -30.24 25.34
C ASP B 280 -4.27 -29.49 26.33
N LEU B 281 -4.21 -28.17 26.17
CA LEU B 281 -3.40 -27.35 27.06
C LEU B 281 -4.17 -26.98 28.32
N ARG B 282 -5.42 -26.55 28.16
CA ARG B 282 -6.24 -26.18 29.30
C ARG B 282 -6.49 -27.43 30.13
N ARG B 283 -6.64 -28.56 29.46
CA ARG B 283 -6.89 -29.84 30.12
C ARG B 283 -5.61 -30.31 30.82
N GLU B 284 -4.48 -30.22 30.11
CA GLU B 284 -3.22 -30.62 30.72
C GLU B 284 -2.88 -29.64 31.83
N LEU B 285 -3.40 -28.42 31.70
CA LEU B 285 -3.16 -27.37 32.67
C LEU B 285 -3.95 -27.62 33.96
N GLN B 286 -5.18 -28.09 33.81
CA GLN B 286 -6.03 -28.40 34.97
C GLN B 286 -5.28 -29.33 35.91
N LYS B 287 -4.62 -30.33 35.35
CA LYS B 287 -3.86 -31.29 36.15
C LYS B 287 -2.82 -30.54 36.98
N ASP B 288 -1.94 -29.81 36.29
CA ASP B 288 -0.88 -29.03 36.92
C ASP B 288 -1.42 -28.19 38.08
N LYS B 289 -2.56 -27.54 37.87
CA LYS B 289 -3.17 -26.71 38.91
C LYS B 289 -3.75 -27.57 40.04
N GLU B 290 -3.87 -26.96 41.22
CA GLU B 290 -4.40 -27.65 42.39
C GLU B 290 -5.31 -26.72 43.18
N ALA B 291 -6.25 -27.28 43.88
CA ALA B 291 -7.16 -26.57 44.71
C ALA B 291 -6.59 -25.86 45.95
N GLY B 292 -5.35 -26.05 46.21
CA GLY B 292 -4.70 -25.33 47.21
C GLY B 292 -4.47 -23.84 47.20
N LYS B 293 -3.59 -23.54 46.30
CA LYS B 293 -2.88 -22.31 46.16
C LYS B 293 -3.75 -21.57 45.38
N ASP B 294 -3.60 -20.26 45.45
CA ASP B 294 -4.30 -19.33 44.59
C ASP B 294 -3.48 -18.85 43.33
N VAL B 295 -2.17 -18.55 43.45
CA VAL B 295 -1.32 -18.17 42.27
C VAL B 295 -0.23 -19.09 42.30
N GLN B 296 -0.19 -19.88 41.25
CA GLN B 296 0.47 -21.17 41.08
C GLN B 296 1.10 -20.77 39.78
N ARG B 297 2.29 -21.26 39.60
CA ARG B 297 3.04 -21.13 38.46
C ARG B 297 3.20 -22.55 37.88
N SER B 298 3.09 -22.59 36.55
CA SER B 298 3.22 -23.65 35.69
C SER B 298 4.20 -23.31 34.71
N GLU B 299 4.63 -24.29 34.07
CA GLU B 299 5.65 -24.16 33.03
C GLU B 299 5.02 -24.41 31.65
N ILE B 300 3.75 -24.81 31.65
CA ILE B 300 2.98 -25.09 30.43
C ILE B 300 2.32 -23.83 29.90
N TYR B 301 2.96 -23.17 28.94
CA TYR B 301 2.40 -21.91 28.49
C TYR B 301 1.09 -22.15 27.77
N LEU B 302 0.05 -21.40 28.11
CA LEU B 302 -1.13 -21.45 27.29
C LEU B 302 -0.35 -20.95 26.11
N GLN B 303 -0.47 -21.56 24.95
CA GLN B 303 0.45 -21.18 23.90
C GLN B 303 0.32 -19.70 23.57
N LYS B 304 1.45 -19.01 23.53
CA LYS B 304 1.46 -17.66 23.01
C LYS B 304 2.36 -16.85 22.10
N ALA B 305 3.54 -17.38 21.82
CA ALA B 305 4.56 -16.62 21.12
C ALA B 305 3.81 -16.24 19.86
N TYR B 306 3.81 -14.94 19.57
CA TYR B 306 3.10 -14.40 18.43
C TYR B 306 3.68 -15.02 17.19
N SER B 307 5.00 -15.19 17.19
CA SER B 307 5.67 -15.77 16.03
C SER B 307 4.87 -16.96 15.48
N LEU B 308 4.23 -17.71 16.37
CA LEU B 308 3.40 -18.83 15.92
C LEU B 308 1.87 -18.70 16.05
N ARG B 309 1.44 -17.63 16.71
CA ARG B 309 0.02 -17.37 16.92
C ARG B 309 -0.57 -16.37 15.90
N ALA B 310 0.22 -15.37 15.52
CA ALA B 310 -0.24 -14.35 14.56
C ALA B 310 -0.10 -14.59 13.05
N ILE B 311 0.40 -15.77 12.68
CA ILE B 311 0.67 -16.07 11.29
C ILE B 311 -0.44 -15.60 10.33
N PRO B 312 -1.70 -15.94 10.62
CA PRO B 312 -2.79 -15.51 9.75
C PRO B 312 -2.90 -13.99 9.64
N GLN B 313 -2.68 -13.32 10.77
CA GLN B 313 -2.77 -11.87 10.78
C GLN B 313 -1.68 -11.19 9.96
N VAL B 314 -0.42 -11.54 10.24
CA VAL B 314 0.72 -10.95 9.57
C VAL B 314 0.86 -11.36 8.11
N VAL B 315 1.00 -12.66 7.85
CA VAL B 315 1.14 -13.14 6.48
C VAL B 315 -0.15 -12.84 5.71
N GLY B 316 -1.26 -12.75 6.44
CA GLY B 316 -2.54 -12.44 5.81
C GLY B 316 -2.53 -11.03 5.23
N ALA B 317 -2.01 -10.09 6.02
CA ALA B 317 -1.92 -8.70 5.60
C ALA B 317 -0.95 -8.60 4.42
N VAL B 318 0.10 -9.40 4.45
CA VAL B 318 1.06 -9.40 3.35
C VAL B 318 0.29 -9.84 2.10
N ARG B 319 -0.50 -10.90 2.24
CA ARG B 319 -1.29 -11.40 1.12
C ARG B 319 -2.20 -10.30 0.55
N ASP B 320 -2.90 -9.57 1.41
CA ASP B 320 -3.77 -8.49 0.95
C ASP B 320 -2.99 -7.49 0.11
N THR B 321 -1.82 -7.08 0.61
CA THR B 321 -1.00 -6.12 -0.11
C THR B 321 -0.68 -6.68 -1.49
N LEU B 322 -0.25 -7.94 -1.52
CA LEU B 322 0.09 -8.62 -2.78
C LEU B 322 -1.12 -8.74 -3.72
N TYR B 323 -2.31 -8.98 -3.15
CA TYR B 323 -3.50 -9.10 -3.99
C TYR B 323 -3.79 -7.75 -4.65
N HIS B 324 -3.69 -6.68 -3.87
CA HIS B 324 -3.95 -5.34 -4.37
C HIS B 324 -2.99 -5.00 -5.51
N ALA B 325 -1.71 -5.34 -5.32
CA ALA B 325 -0.70 -5.08 -6.34
C ALA B 325 -0.94 -5.90 -7.61
N ARG B 326 -1.33 -7.17 -7.45
CA ARG B 326 -1.57 -8.01 -8.61
C ARG B 326 -2.72 -7.45 -9.41
N HIS B 327 -3.73 -6.94 -8.73
CA HIS B 327 -4.87 -6.36 -9.42
C HIS B 327 -4.41 -5.14 -10.21
N LYS B 328 -3.66 -4.26 -9.56
CA LYS B 328 -3.15 -3.05 -10.21
C LYS B 328 -2.35 -3.43 -11.44
N LEU B 329 -1.54 -4.47 -11.32
CA LEU B 329 -0.71 -4.91 -12.43
C LEU B 329 -1.54 -5.49 -13.57
N ARG B 330 -2.61 -6.20 -13.23
CA ARG B 330 -3.49 -6.80 -14.23
C ARG B 330 -4.14 -5.66 -15.05
N ILE B 331 -4.67 -4.66 -14.35
CA ILE B 331 -5.27 -3.53 -15.02
C ILE B 331 -4.23 -2.81 -15.89
N GLU B 332 -3.03 -2.63 -15.34
CA GLU B 332 -1.95 -1.95 -16.04
C GLU B 332 -1.45 -2.72 -17.27
N LEU B 333 -1.23 -4.02 -17.13
CA LEU B 333 -0.76 -4.82 -18.26
C LEU B 333 -1.71 -4.66 -19.46
N ASN B 334 -2.99 -4.51 -19.18
CA ASN B 334 -4.00 -4.37 -20.24
C ASN B 334 -4.41 -2.96 -20.56
N SER B 335 -3.54 -2.01 -20.23
CA SER B 335 -3.82 -0.62 -20.49
C SER B 335 -3.02 -0.08 -21.64
N ALA B 336 -3.48 1.02 -22.21
CA ALA B 336 -2.76 1.65 -23.29
C ALA B 336 -1.87 2.68 -22.60
N ASN B 337 -0.93 2.21 -21.79
CA ASN B 337 -0.02 3.12 -21.11
C ASN B 337 0.93 3.60 -22.20
N ASP B 338 0.54 4.70 -22.83
CA ASP B 338 1.30 5.31 -23.91
C ASP B 338 0.65 6.65 -24.16
N ASN B 339 1.27 7.47 -24.99
CA ASN B 339 0.75 8.81 -25.29
C ASN B 339 1.45 9.29 -26.57
N PRO B 340 0.71 9.98 -27.45
CA PRO B 340 -0.71 10.32 -27.30
C PRO B 340 -1.45 9.04 -27.71
N LEU B 341 -2.78 9.04 -27.61
CA LEU B 341 -3.56 7.85 -27.97
C LEU B 341 -4.59 8.13 -29.05
N PHE B 342 -4.85 7.12 -29.88
CA PHE B 342 -5.80 7.23 -30.98
C PHE B 342 -7.10 6.50 -30.66
N PHE B 343 -8.21 7.20 -30.86
CA PHE B 343 -9.55 6.64 -30.63
C PHE B 343 -10.38 6.94 -31.87
N GLU B 344 -10.92 5.88 -32.47
CA GLU B 344 -11.72 6.01 -33.68
C GLU B 344 -12.74 7.16 -33.67
N GLY B 345 -12.61 8.05 -34.65
CA GLY B 345 -13.52 9.17 -34.78
C GLY B 345 -13.47 10.22 -33.68
N LYS B 346 -12.27 10.43 -33.11
CA LYS B 346 -12.09 11.43 -32.05
C LYS B 346 -10.75 12.12 -32.23
N GLU B 347 -10.50 13.18 -31.46
CA GLU B 347 -9.22 13.87 -31.56
C GLU B 347 -8.16 13.00 -30.85
N ILE B 348 -6.92 13.11 -31.30
CA ILE B 348 -5.84 12.35 -30.68
C ILE B 348 -5.80 12.73 -29.20
N PHE B 349 -5.84 11.72 -28.33
CA PHE B 349 -5.82 11.94 -26.88
C PHE B 349 -4.42 12.29 -26.38
N HIS B 350 -4.28 13.48 -25.78
CA HIS B 350 -3.00 13.94 -25.27
C HIS B 350 -3.06 14.02 -23.74
N GLY B 351 -2.69 12.91 -23.09
CA GLY B 351 -2.72 12.86 -21.65
C GLY B 351 -1.42 12.43 -21.02
N ALA B 352 -1.51 11.51 -20.06
CA ALA B 352 -0.31 11.04 -19.37
C ALA B 352 -0.48 9.61 -18.89
N ASN B 353 -0.88 8.72 -19.78
CA ASN B 353 -1.05 7.34 -19.39
C ASN B 353 0.28 6.63 -19.32
N PHE B 354 1.36 7.39 -19.53
CA PHE B 354 2.70 6.87 -19.43
C PHE B 354 3.16 6.91 -17.96
N HIS B 355 2.46 7.71 -17.16
CA HIS B 355 2.78 7.91 -15.75
C HIS B 355 2.57 6.65 -14.91
N GLY B 356 3.66 6.13 -14.35
CA GLY B 356 3.58 4.90 -13.58
C GLY B 356 3.23 4.95 -12.12
N GLN B 357 2.55 5.99 -11.68
CA GLN B 357 2.20 6.13 -10.27
C GLN B 357 1.45 4.95 -9.66
N PRO B 358 0.39 4.47 -10.34
CA PRO B 358 -0.36 3.33 -9.78
C PRO B 358 0.52 2.14 -9.43
N ILE B 359 1.48 1.84 -10.30
CA ILE B 359 2.39 0.73 -10.10
C ILE B 359 3.49 1.12 -9.13
N ALA B 360 3.96 2.37 -9.21
CA ALA B 360 4.99 2.84 -8.30
C ALA B 360 4.49 2.65 -6.86
N PHE B 361 3.24 3.06 -6.62
CA PHE B 361 2.65 2.90 -5.29
C PHE B 361 2.56 1.41 -4.95
N ALA B 362 1.99 0.63 -5.87
CA ALA B 362 1.82 -0.81 -5.68
C ALA B 362 3.10 -1.52 -5.25
N MET B 363 4.18 -1.29 -6.00
CA MET B 363 5.44 -1.94 -5.67
C MET B 363 6.08 -1.45 -4.36
N ASP B 364 5.92 -0.16 -4.03
CA ASP B 364 6.45 0.32 -2.76
C ASP B 364 5.74 -0.44 -1.63
N PHE B 365 4.45 -0.69 -1.79
CA PHE B 365 3.66 -1.41 -0.79
C PHE B 365 4.13 -2.85 -0.67
N VAL B 366 4.45 -3.46 -1.80
CA VAL B 366 4.95 -4.83 -1.83
C VAL B 366 6.27 -4.87 -1.08
N THR B 367 7.09 -3.84 -1.28
CA THR B 367 8.38 -3.75 -0.61
C THR B 367 8.17 -3.80 0.91
N ILE B 368 7.24 -2.99 1.40
CA ILE B 368 6.95 -2.92 2.82
C ILE B 368 6.40 -4.25 3.32
N ALA B 369 5.41 -4.78 2.60
CA ALA B 369 4.79 -6.03 2.96
C ALA B 369 5.79 -7.17 3.06
N LEU B 370 6.63 -7.34 2.03
CA LEU B 370 7.61 -8.41 2.07
C LEU B 370 8.64 -8.19 3.17
N THR B 371 8.91 -6.93 3.50
CA THR B 371 9.86 -6.67 4.56
C THR B 371 9.32 -7.30 5.83
N GLN B 372 8.04 -7.08 6.10
CA GLN B 372 7.45 -7.64 7.30
C GLN B 372 7.40 -9.17 7.25
N LEU B 373 7.20 -9.74 6.06
CA LEU B 373 7.17 -11.20 5.97
C LEU B 373 8.49 -11.74 6.51
N GLY B 374 9.59 -11.07 6.13
CA GLY B 374 10.91 -11.48 6.56
C GLY B 374 11.13 -11.24 8.05
N VAL B 375 10.55 -10.16 8.56
CA VAL B 375 10.66 -9.83 9.99
C VAL B 375 10.10 -11.01 10.81
N LEU B 376 8.94 -11.50 10.41
CA LEU B 376 8.28 -12.62 11.08
C LEU B 376 9.12 -13.92 10.99
N ALA B 377 9.58 -14.25 9.79
CA ALA B 377 10.38 -15.46 9.60
C ALA B 377 11.62 -15.43 10.49
N GLU B 378 12.31 -14.29 10.50
CA GLU B 378 13.52 -14.13 11.30
C GLU B 378 13.27 -14.36 12.79
N ARG B 379 12.13 -13.90 13.28
CA ARG B 379 11.77 -14.09 14.68
C ARG B 379 11.42 -15.54 15.00
N GLN B 380 10.88 -16.25 14.01
CA GLN B 380 10.53 -17.66 14.19
C GLN B 380 11.85 -18.44 14.27
N ILE B 381 12.84 -17.97 13.51
CA ILE B 381 14.14 -18.61 13.58
C ILE B 381 14.65 -18.40 15.00
N ASN B 382 14.62 -17.15 15.46
CA ASN B 382 15.08 -16.82 16.82
C ASN B 382 14.39 -17.69 17.85
N ARG B 383 13.11 -17.94 17.62
CA ARG B 383 12.29 -18.75 18.51
C ARG B 383 12.88 -20.14 18.74
N VAL B 384 13.26 -20.82 17.66
CA VAL B 384 13.81 -22.16 17.77
C VAL B 384 15.25 -22.23 18.22
N LEU B 385 15.99 -21.15 18.05
CA LEU B 385 17.39 -21.15 18.44
C LEU B 385 17.62 -20.74 19.89
N ASN B 386 16.62 -20.13 20.51
CA ASN B 386 16.72 -19.68 21.90
C ASN B 386 16.14 -20.72 22.86
N ARG B 387 16.99 -21.33 23.68
CA ARG B 387 16.53 -22.36 24.61
C ARG B 387 15.41 -21.85 25.51
N HIS B 388 15.49 -20.58 25.90
CA HIS B 388 14.47 -19.98 26.76
C HIS B 388 13.10 -20.04 26.08
N LEU B 389 13.10 -20.16 24.76
CA LEU B 389 11.86 -20.20 23.98
C LEU B 389 11.68 -21.46 23.12
N SER B 390 12.74 -22.23 22.98
CA SER B 390 12.78 -23.45 22.15
C SER B 390 11.72 -24.51 22.37
N TYR B 391 10.89 -24.36 23.40
CA TYR B 391 9.85 -25.35 23.67
C TYR B 391 10.49 -26.64 24.17
N GLY B 392 11.77 -26.59 24.50
CA GLY B 392 12.47 -27.76 25.00
C GLY B 392 13.66 -28.19 24.15
N LEU B 393 13.81 -27.60 22.97
CA LEU B 393 14.92 -27.96 22.09
C LEU B 393 16.24 -27.53 22.71
N PRO B 394 17.36 -28.14 22.27
CA PRO B 394 18.65 -27.74 22.84
C PRO B 394 19.02 -26.37 22.29
N GLU B 395 19.89 -25.66 22.99
CA GLU B 395 20.30 -24.32 22.56
C GLU B 395 20.90 -24.29 21.15
N PHE B 396 20.35 -23.42 20.32
CA PHE B 396 20.81 -23.24 18.94
C PHE B 396 20.82 -24.52 18.10
N LEU B 397 19.94 -25.45 18.46
CA LEU B 397 19.80 -26.71 17.75
C LEU B 397 21.09 -27.53 17.62
N VAL B 398 21.95 -27.43 18.62
CA VAL B 398 23.18 -28.22 18.63
C VAL B 398 22.75 -29.63 19.02
N SER B 399 23.23 -30.64 18.29
CA SER B 399 22.85 -32.01 18.61
C SER B 399 23.92 -32.69 19.46
N GLY B 400 25.07 -32.04 19.56
CA GLY B 400 26.17 -32.59 20.35
C GLY B 400 26.42 -31.79 21.61
N ASP B 401 27.67 -31.38 21.83
CA ASP B 401 28.04 -30.62 23.00
C ASP B 401 28.05 -29.11 22.75
N PRO B 402 27.06 -28.38 23.28
CA PRO B 402 27.02 -26.94 23.08
C PRO B 402 28.28 -26.30 23.62
N GLY B 403 28.61 -25.11 23.12
CA GLY B 403 29.82 -24.43 23.56
C GLY B 403 30.92 -24.87 22.61
N LEU B 404 31.24 -26.16 22.64
CA LEU B 404 32.27 -26.72 21.75
C LEU B 404 31.72 -26.59 20.32
N HIS B 405 30.42 -26.78 20.17
CA HIS B 405 29.75 -26.63 18.87
C HIS B 405 28.73 -25.51 19.02
N SER B 406 28.55 -24.70 17.98
CA SER B 406 27.60 -23.61 18.06
C SER B 406 26.28 -23.94 17.35
N GLY B 407 26.31 -25.00 16.53
CA GLY B 407 25.12 -25.40 15.82
C GLY B 407 24.72 -24.35 14.80
N PHE B 408 23.50 -23.83 14.93
CA PHE B 408 23.00 -22.79 14.02
C PHE B 408 23.22 -21.39 14.57
N ALA B 409 23.95 -21.27 15.67
CA ALA B 409 24.18 -19.96 16.24
C ALA B 409 24.71 -18.96 15.20
N GLY B 410 25.64 -19.41 14.37
CA GLY B 410 26.22 -18.56 13.36
C GLY B 410 25.31 -18.29 12.17
N ALA B 411 24.50 -19.29 11.82
CA ALA B 411 23.60 -19.17 10.70
C ALA B 411 22.47 -18.20 10.99
N GLN B 412 22.24 -17.87 12.26
CA GLN B 412 21.17 -16.93 12.54
C GLN B 412 21.54 -15.51 12.09
N TYR B 413 22.82 -15.16 12.16
CA TYR B 413 23.25 -13.81 11.81
C TYR B 413 22.88 -13.31 10.41
N PRO B 414 23.13 -14.11 9.36
CA PRO B 414 22.75 -13.59 8.05
C PRO B 414 21.25 -13.24 7.99
N ALA B 415 20.42 -14.02 8.69
CA ALA B 415 18.99 -13.75 8.70
C ALA B 415 18.67 -12.45 9.44
N THR B 416 19.26 -12.28 10.61
CA THR B 416 19.04 -11.07 11.41
C THR B 416 19.54 -9.83 10.66
N ALA B 417 20.66 -9.98 9.96
CA ALA B 417 21.26 -8.87 9.22
C ALA B 417 20.42 -8.45 8.02
N LEU B 418 19.73 -9.41 7.41
CA LEU B 418 18.90 -9.12 6.25
C LEU B 418 17.64 -8.36 6.61
N VAL B 419 17.10 -8.62 7.80
CA VAL B 419 15.91 -7.90 8.23
C VAL B 419 16.29 -6.43 8.29
N ALA B 420 17.41 -6.14 8.95
CA ALA B 420 17.88 -4.76 9.09
C ALA B 420 18.19 -4.15 7.72
N GLU B 421 18.77 -4.94 6.82
CA GLU B 421 19.09 -4.43 5.50
C GLU B 421 17.83 -4.09 4.73
N ASN B 422 16.81 -4.95 4.81
CA ASN B 422 15.57 -4.68 4.12
C ASN B 422 14.90 -3.42 4.69
N ARG B 423 15.14 -3.14 5.97
CA ARG B 423 14.55 -1.98 6.59
C ARG B 423 15.17 -0.65 6.15
N THR B 424 16.34 -0.70 5.51
CA THR B 424 16.97 0.54 5.06
C THR B 424 16.47 0.91 3.66
N ILE B 425 15.61 0.08 3.08
CA ILE B 425 15.10 0.35 1.75
C ILE B 425 13.84 1.21 1.87
N GLY B 426 13.96 2.46 1.43
CA GLY B 426 12.84 3.38 1.53
C GLY B 426 11.93 3.43 0.32
N PRO B 427 10.70 3.93 0.50
CA PRO B 427 9.80 4.00 -0.64
C PRO B 427 10.30 5.00 -1.69
N ALA B 428 10.14 4.67 -2.97
CA ALA B 428 10.60 5.54 -4.06
C ALA B 428 9.49 6.29 -4.80
N SER B 429 8.26 5.79 -4.71
CA SER B 429 7.15 6.42 -5.42
C SER B 429 6.87 7.87 -5.03
N THR B 430 7.55 8.34 -4.00
CA THR B 430 7.35 9.70 -3.53
C THR B 430 8.57 10.56 -3.77
N GLN B 431 9.60 9.97 -4.37
CA GLN B 431 10.87 10.67 -4.59
C GLN B 431 11.05 11.42 -5.91
N SER B 432 9.96 11.87 -6.51
CA SER B 432 10.04 12.60 -7.77
C SER B 432 11.03 13.78 -7.71
N VAL B 433 11.70 14.03 -8.83
CA VAL B 433 12.63 15.14 -8.99
C VAL B 433 12.34 15.71 -10.37
N PRO B 434 12.01 17.01 -10.45
CA PRO B 434 11.69 17.65 -11.73
C PRO B 434 12.86 17.69 -12.72
N SER B 435 12.59 17.27 -13.95
CA SER B 435 13.62 17.28 -14.99
C SER B 435 13.01 17.78 -16.30
N ASN B 436 13.81 17.78 -17.36
CA ASN B 436 13.35 18.18 -18.69
C ASN B 436 12.75 19.59 -18.72
N GLY B 437 13.53 20.58 -18.30
CA GLY B 437 13.04 21.94 -18.30
C GLY B 437 11.72 22.06 -17.59
N ASP B 438 11.58 21.30 -16.51
CA ASP B 438 10.38 21.30 -15.70
C ASP B 438 9.14 20.72 -16.35
N ASN B 439 9.28 20.20 -17.56
CA ASN B 439 8.14 19.59 -18.23
C ASN B 439 7.71 18.37 -17.43
N GLN B 440 8.68 17.57 -17.00
CA GLN B 440 8.35 16.40 -16.19
C GLN B 440 8.55 16.84 -14.76
N ASP B 441 7.66 17.69 -14.26
CA ASP B 441 7.83 18.17 -12.89
C ASP B 441 7.39 17.20 -11.81
N VAL B 442 6.69 16.13 -12.17
CA VAL B 442 6.26 15.12 -11.19
C VAL B 442 6.23 13.73 -11.83
N VAL B 443 7.14 12.86 -11.39
CA VAL B 443 7.24 11.50 -11.91
C VAL B 443 6.98 10.49 -10.79
N SER B 444 6.94 9.19 -11.12
CA SER B 444 6.65 8.15 -10.13
C SER B 444 7.83 7.36 -9.61
N MET B 445 8.92 7.31 -10.37
CA MET B 445 10.10 6.58 -9.94
C MET B 445 9.72 5.11 -9.73
N GLY B 446 8.64 4.69 -10.37
CA GLY B 446 8.14 3.33 -10.25
C GLY B 446 9.07 2.16 -10.53
N LEU B 447 10.03 2.27 -11.45
CA LEU B 447 10.89 1.12 -11.69
C LEU B 447 11.84 0.97 -10.49
N ILE B 448 12.11 2.07 -9.79
CA ILE B 448 12.96 1.95 -8.62
C ILE B 448 12.17 1.17 -7.57
N SER B 449 10.87 1.43 -7.52
CA SER B 449 9.98 0.74 -6.58
C SER B 449 9.98 -0.76 -6.84
N ALA B 450 9.83 -1.13 -8.12
CA ALA B 450 9.83 -2.53 -8.51
C ALA B 450 11.15 -3.22 -8.11
N ARG B 451 12.27 -2.56 -8.37
CA ARG B 451 13.57 -3.12 -8.01
C ARG B 451 13.73 -3.28 -6.50
N ASN B 452 13.22 -2.32 -5.74
CA ASN B 452 13.32 -2.34 -4.28
C ASN B 452 12.63 -3.64 -3.83
N ALA B 453 11.42 -3.85 -4.35
CA ALA B 453 10.61 -5.03 -4.04
C ALA B 453 11.35 -6.33 -4.40
N ARG B 454 11.92 -6.37 -5.59
CA ARG B 454 12.68 -7.54 -6.04
C ARG B 454 13.80 -7.85 -5.04
N ARG B 455 14.42 -6.79 -4.53
CA ARG B 455 15.52 -6.97 -3.59
C ARG B 455 15.06 -7.62 -2.29
N VAL B 456 14.01 -7.08 -1.67
CA VAL B 456 13.50 -7.65 -0.43
C VAL B 456 13.06 -9.08 -0.69
N LEU B 457 12.47 -9.34 -1.87
CA LEU B 457 12.04 -10.68 -2.24
C LEU B 457 13.23 -11.63 -2.21
N SER B 458 14.29 -11.22 -2.87
CA SER B 458 15.52 -12.00 -2.94
C SER B 458 16.12 -12.21 -1.55
N ASN B 459 16.11 -11.15 -0.74
CA ASN B 459 16.66 -11.24 0.60
C ASN B 459 15.83 -12.18 1.47
N ASN B 460 14.53 -12.16 1.25
CA ASN B 460 13.62 -13.02 2.02
C ASN B 460 13.88 -14.50 1.77
N ASN B 461 14.31 -14.83 0.56
CA ASN B 461 14.60 -16.23 0.26
C ASN B 461 15.75 -16.73 1.12
N LYS B 462 16.69 -15.85 1.47
CA LYS B 462 17.83 -16.22 2.32
C LYS B 462 17.38 -16.45 3.77
N ILE B 463 16.50 -15.57 4.27
CA ILE B 463 16.01 -15.69 5.63
C ILE B 463 15.20 -16.98 5.75
N LEU B 464 14.35 -17.23 4.77
CA LEU B 464 13.53 -18.44 4.75
C LEU B 464 14.40 -19.67 4.64
N ALA B 465 15.52 -19.54 3.91
CA ALA B 465 16.44 -20.66 3.76
C ALA B 465 16.92 -21.06 5.15
N VAL B 466 17.38 -20.08 5.93
CA VAL B 466 17.86 -20.37 7.28
C VAL B 466 16.77 -21.02 8.12
N GLU B 467 15.52 -20.60 7.89
CA GLU B 467 14.40 -21.14 8.64
C GLU B 467 14.02 -22.55 8.21
N TYR B 468 14.17 -22.86 6.92
CA TYR B 468 13.88 -24.22 6.46
C TYR B 468 14.91 -25.17 7.05
N LEU B 469 16.16 -24.72 7.11
CA LEU B 469 17.23 -25.56 7.66
C LEU B 469 17.07 -25.77 9.17
N ALA B 470 16.77 -24.71 9.91
CA ALA B 470 16.61 -24.84 11.36
C ALA B 470 15.42 -25.75 11.69
N ALA B 471 14.35 -25.63 10.90
CA ALA B 471 13.17 -26.46 11.12
C ALA B 471 13.50 -27.94 10.89
N ALA B 472 14.14 -28.25 9.78
CA ALA B 472 14.50 -29.64 9.50
C ALA B 472 15.37 -30.13 10.65
N GLN B 473 16.36 -29.32 11.03
CA GLN B 473 17.25 -29.66 12.12
C GLN B 473 16.46 -29.95 13.39
N ALA B 474 15.48 -29.10 13.70
CA ALA B 474 14.67 -29.28 14.89
C ALA B 474 14.00 -30.65 14.85
N VAL B 475 13.57 -31.05 13.65
CA VAL B 475 12.91 -32.33 13.47
C VAL B 475 13.82 -33.51 13.79
N ASP B 476 15.09 -33.41 13.43
CA ASP B 476 16.03 -34.50 13.69
C ASP B 476 16.35 -34.61 15.18
N ILE B 477 16.71 -33.49 15.78
CA ILE B 477 17.08 -33.43 17.19
C ILE B 477 15.98 -33.93 18.14
N SER B 478 14.73 -33.74 17.75
CA SER B 478 13.63 -34.19 18.59
C SER B 478 13.08 -35.53 18.11
N GLY B 479 13.66 -36.04 17.03
CA GLY B 479 13.23 -37.31 16.48
C GLY B 479 11.73 -37.38 16.27
N ARG B 480 11.13 -36.28 15.83
CA ARG B 480 9.70 -36.22 15.60
C ARG B 480 9.28 -36.45 14.15
N PHE B 481 10.20 -36.94 13.33
CA PHE B 481 9.87 -37.17 11.92
C PHE B 481 8.64 -38.03 11.68
N ASP B 482 8.40 -39.01 12.54
CA ASP B 482 7.25 -39.89 12.38
C ASP B 482 5.91 -39.21 12.66
N GLY B 483 5.91 -38.23 13.55
CA GLY B 483 4.67 -37.55 13.89
C GLY B 483 4.28 -36.40 12.97
N LEU B 484 5.13 -36.11 11.99
CA LEU B 484 4.84 -35.03 11.05
C LEU B 484 3.69 -35.35 10.12
N SER B 485 3.03 -34.31 9.63
CA SER B 485 1.93 -34.45 8.71
C SER B 485 2.51 -34.83 7.36
N PRO B 486 1.65 -35.24 6.41
CA PRO B 486 2.15 -35.63 5.09
C PRO B 486 2.84 -34.45 4.41
N ALA B 487 2.40 -33.23 4.71
CA ALA B 487 2.99 -32.05 4.11
C ALA B 487 4.30 -31.73 4.80
N ALA B 488 4.33 -31.87 6.11
CA ALA B 488 5.53 -31.61 6.89
C ALA B 488 6.65 -32.57 6.49
N LYS B 489 6.28 -33.80 6.15
CA LYS B 489 7.28 -34.78 5.72
C LYS B 489 7.80 -34.42 4.34
N ALA B 490 6.89 -34.03 3.45
CA ALA B 490 7.28 -33.62 2.11
C ALA B 490 8.26 -32.46 2.25
N THR B 491 7.89 -31.48 3.07
CA THR B 491 8.75 -30.32 3.28
C THR B 491 10.11 -30.79 3.83
N TYR B 492 10.07 -31.58 4.90
CA TYR B 492 11.28 -32.10 5.53
C TYR B 492 12.22 -32.81 4.57
N GLU B 493 11.67 -33.75 3.79
CA GLU B 493 12.46 -34.51 2.84
C GLU B 493 13.03 -33.60 1.76
N ALA B 494 12.25 -32.61 1.35
CA ALA B 494 12.69 -31.68 0.32
C ALA B 494 13.97 -30.99 0.78
N VAL B 495 13.99 -30.53 2.03
CA VAL B 495 15.17 -29.87 2.57
C VAL B 495 16.35 -30.85 2.65
N ARG B 496 16.12 -31.99 3.30
CA ARG B 496 17.16 -33.01 3.46
C ARG B 496 17.67 -33.60 2.15
N ARG B 497 16.91 -33.43 1.07
CA ARG B 497 17.34 -33.93 -0.23
C ARG B 497 18.47 -33.01 -0.70
N LEU B 498 18.46 -31.79 -0.18
CA LEU B 498 19.46 -30.77 -0.51
C LEU B 498 20.58 -30.64 0.50
N VAL B 499 20.21 -30.63 1.78
CA VAL B 499 21.17 -30.47 2.87
C VAL B 499 21.01 -31.50 4.02
N PRO B 500 22.12 -32.15 4.42
CA PRO B 500 22.12 -33.15 5.50
C PRO B 500 21.88 -32.50 6.85
N THR B 501 21.52 -33.34 7.83
CA THR B 501 21.29 -32.86 9.19
C THR B 501 22.62 -32.33 9.71
N LEU B 502 22.56 -31.36 10.61
CA LEU B 502 23.79 -30.81 11.15
C LEU B 502 24.29 -31.63 12.33
N GLY B 503 25.22 -32.53 12.07
CA GLY B 503 25.77 -33.33 13.14
C GLY B 503 26.81 -32.47 13.82
N VAL B 504 28.00 -32.41 13.24
CA VAL B 504 29.07 -31.60 13.81
C VAL B 504 29.01 -30.24 13.11
N ASP B 505 29.56 -29.22 13.78
CA ASP B 505 29.58 -27.88 13.19
C ASP B 505 30.26 -27.98 11.84
N ARG B 506 29.84 -27.16 10.89
CA ARG B 506 30.43 -27.17 9.56
C ARG B 506 30.14 -25.89 8.78
N TYR B 507 30.92 -25.66 7.73
CA TYR B 507 30.77 -24.49 6.86
C TYR B 507 29.29 -24.43 6.46
N MET B 508 28.62 -23.33 6.79
CA MET B 508 27.18 -23.21 6.49
C MET B 508 26.82 -22.43 5.21
N ALA B 509 27.71 -21.58 4.74
CA ALA B 509 27.41 -20.75 3.57
C ALA B 509 26.78 -21.46 2.37
N ASP B 510 27.34 -22.60 1.98
CA ASP B 510 26.82 -23.34 0.82
C ASP B 510 25.44 -23.94 1.11
N ASP B 511 25.25 -24.52 2.29
CA ASP B 511 23.96 -25.10 2.62
C ASP B 511 22.85 -24.06 2.52
N ILE B 512 23.12 -22.85 3.02
CA ILE B 512 22.13 -21.79 2.98
C ILE B 512 21.81 -21.28 1.57
N GLU B 513 22.85 -21.08 0.75
CA GLU B 513 22.65 -20.57 -0.60
C GLU B 513 21.89 -21.57 -1.45
N LEU B 514 22.15 -22.85 -1.22
CA LEU B 514 21.50 -23.92 -1.97
C LEU B 514 20.00 -23.92 -1.69
N VAL B 515 19.62 -23.67 -0.44
CA VAL B 515 18.21 -23.67 -0.08
C VAL B 515 17.54 -22.36 -0.51
N ALA B 516 18.31 -21.29 -0.49
CA ALA B 516 17.79 -19.99 -0.90
C ALA B 516 17.46 -20.10 -2.39
N ASP B 517 18.36 -20.70 -3.17
CA ASP B 517 18.16 -20.88 -4.60
C ASP B 517 16.95 -21.78 -4.87
N ALA B 518 16.82 -22.83 -4.07
CA ALA B 518 15.69 -23.75 -4.22
C ALA B 518 14.39 -22.97 -3.99
N LEU B 519 14.39 -22.09 -2.98
CA LEU B 519 13.20 -21.28 -2.68
C LEU B 519 12.89 -20.32 -3.83
N SER B 520 13.93 -19.80 -4.48
CA SER B 520 13.69 -18.87 -5.60
C SER B 520 13.04 -19.57 -6.79
N ARG B 521 13.18 -20.90 -6.86
CA ARG B 521 12.59 -21.67 -7.96
C ARG B 521 11.23 -22.27 -7.58
N GLY B 522 10.80 -22.03 -6.33
CA GLY B 522 9.52 -22.56 -5.87
C GLY B 522 9.55 -24.05 -5.59
N GLU B 523 10.72 -24.56 -5.23
CA GLU B 523 10.90 -25.99 -4.96
C GLU B 523 10.04 -26.58 -3.84
N PHE B 524 9.86 -25.82 -2.77
CA PHE B 524 9.09 -26.32 -1.64
C PHE B 524 7.59 -26.27 -1.91
N LEU B 525 7.20 -25.39 -2.83
CA LEU B 525 5.80 -25.29 -3.22
C LEU B 525 5.55 -26.52 -4.13
N ARG B 526 6.54 -26.83 -4.95
CA ARG B 526 6.47 -27.99 -5.85
C ARG B 526 6.41 -29.28 -5.06
N ALA B 527 7.26 -29.40 -4.05
CA ALA B 527 7.27 -30.60 -3.23
C ALA B 527 5.87 -30.88 -2.68
N ILE B 528 5.17 -29.83 -2.26
CA ILE B 528 3.82 -29.98 -1.72
C ILE B 528 2.87 -30.42 -2.84
N ALA B 529 3.23 -30.08 -4.07
CA ALA B 529 2.40 -30.44 -5.21
C ALA B 529 2.46 -31.93 -5.56
N ARG B 530 3.67 -32.47 -5.67
CA ARG B 530 3.82 -33.88 -6.03
C ARG B 530 3.89 -34.91 -4.92
N GLU B 531 3.79 -34.47 -3.67
CA GLU B 531 3.82 -35.40 -2.54
C GLU B 531 2.51 -35.45 -1.77
N THR B 532 1.69 -34.41 -1.90
CA THR B 532 0.41 -34.38 -1.19
C THR B 532 -0.72 -34.03 -2.14
N ASP B 533 -1.94 -34.02 -1.61
CA ASP B 533 -3.12 -33.69 -2.39
C ASP B 533 -3.57 -32.30 -1.99
N ILE B 534 -2.66 -31.54 -1.39
CA ILE B 534 -2.97 -30.20 -0.92
C ILE B 534 -2.83 -29.14 -2.01
N GLN B 535 -3.86 -28.32 -2.14
CA GLN B 535 -3.83 -27.23 -3.09
C GLN B 535 -3.89 -25.96 -2.26
N LEU B 536 -2.77 -25.23 -2.22
CA LEU B 536 -2.66 -24.01 -1.42
C LEU B 536 -3.17 -22.77 -2.17
N ARG B 537 -3.68 -21.81 -1.42
CA ARG B 537 -4.19 -20.57 -2.00
C ARG B 537 -3.06 -19.58 -2.24
#